data_5GQE
#
_entry.id   5GQE
#
_cell.length_a   75.130
_cell.length_b   94.007
_cell.length_c   137.641
_cell.angle_alpha   90.00
_cell.angle_beta   90.00
_cell.angle_gamma   90.00
#
_symmetry.space_group_name_H-M   'P 21 21 21'
#
loop_
_entity.id
_entity.type
_entity.pdbx_description
1 polymer Beta-xylanase
2 branched beta-D-xylopyranose-(1-4)-beta-D-xylopyranose-(1-4)-beta-D-xylopyranose-(1-4)-beta-D-xylopyranose-(1-4)-beta-D-xylopyranose
3 branched beta-D-xylopyranose-(1-4)-beta-D-xylopyranose-(1-4)-beta-D-xylopyranose-(1-4)-beta-D-xylopyranose
4 branched beta-D-xylopyranose-(1-4)-beta-D-xylopyranose
5 branched beta-D-xylopyranose-(1-4)-beta-D-xylopyranose-(1-4)-beta-D-xylopyranose
6 water water
#
_entity_poly.entity_id   1
_entity_poly.type   'polypeptide(L)'
_entity_poly.pdbx_seq_one_letter_code
;AESTLGAAAAQSGRYFGTAIASGKLGDSAYTTIASREFNMVTAENEMKIDATEPQRGQFNFSAGDRVYNWAVQNGKQVRG
HALAWHSQQPGWMQSLSGSTLRQAMIDHINGVMGHYKGKIAQWDVVSHAFSDDGSGGRRDSNLQRTGNDWIEVAFRTARA
ADPAAKLCYNDYNIENWTWAKTQGVYNMVRDFKQRGVPIDCVGFQSHFNSGSPYNSNFRTTLQNFAALGVDVAITELDIQ
GASSSTYAAVTNDCLAVSRCLGITVWGVRDTDSWRSGDTPLLFNGDGSKKAAYTAVLNALNGGSSTPPPSGGGQIKGVGS
GRCLDVPNASTTDGTQVQLYDCHSATNQQWTYTDAGELRVYGDKCLDAAGTGNGTKVQIYSCWGGDNQKWRLNSDGSIVG
VQSGLCLDAVGGGTANGTLIQLYSCSNGSNQRWTRT
;
_entity_poly.pdbx_strand_id   A,B
#
# COMPACT_ATOMS: atom_id res chain seq x y z
N ALA A 1 27.50 10.16 -17.65
CA ALA A 1 26.02 10.28 -17.47
C ALA A 1 25.55 9.22 -16.48
N GLU A 2 24.71 9.61 -15.54
CA GLU A 2 24.24 8.65 -14.54
C GLU A 2 23.14 9.16 -13.63
N SER A 3 22.31 10.08 -14.11
CA SER A 3 21.22 10.59 -13.29
C SER A 3 19.92 9.89 -13.67
N THR A 4 19.92 9.18 -14.80
CA THR A 4 18.74 8.45 -15.28
C THR A 4 19.11 7.00 -15.53
N LEU A 5 18.12 6.11 -15.48
CA LEU A 5 18.36 4.69 -15.69
C LEU A 5 18.98 4.37 -17.05
N GLY A 6 18.44 4.94 -18.11
CA GLY A 6 18.98 4.69 -19.44
C GLY A 6 20.45 5.01 -19.57
N ALA A 7 20.86 6.20 -19.12
CA ALA A 7 22.25 6.63 -19.20
C ALA A 7 23.16 5.80 -18.30
N ALA A 8 22.69 5.46 -17.09
CA ALA A 8 23.47 4.66 -16.17
C ALA A 8 23.81 3.31 -16.83
N ALA A 9 22.78 2.65 -17.35
CA ALA A 9 22.94 1.37 -18.01
C ALA A 9 23.89 1.53 -19.19
N ALA A 10 23.76 2.64 -19.90
CA ALA A 10 24.61 2.91 -21.05
C ALA A 10 26.09 2.93 -20.66
N GLN A 11 26.39 3.24 -19.41
CA GLN A 11 27.76 3.28 -18.92
C GLN A 11 28.47 1.96 -19.22
N SER A 12 27.74 0.85 -19.14
CA SER A 12 28.33 -0.46 -19.39
C SER A 12 27.94 -1.05 -20.74
N GLY A 13 27.48 -0.20 -21.65
CA GLY A 13 27.09 -0.66 -22.96
C GLY A 13 25.73 -1.31 -23.02
N ARG A 14 24.98 -1.20 -21.93
CA ARG A 14 23.65 -1.78 -21.87
C ARG A 14 22.57 -0.74 -22.06
N TYR A 15 21.33 -1.17 -21.94
CA TYR A 15 20.18 -0.28 -22.08
C TYR A 15 19.21 -0.61 -20.96
N PHE A 16 18.34 0.33 -20.65
CA PHE A 16 17.32 0.10 -19.66
C PHE A 16 16.04 0.59 -20.33
N GLY A 17 15.14 -0.33 -20.63
CA GLY A 17 13.92 0.05 -21.30
C GLY A 17 12.64 -0.17 -20.53
N THR A 18 11.53 0.02 -21.22
CA THR A 18 10.22 -0.16 -20.63
C THR A 18 9.23 -0.57 -21.70
N ALA A 19 7.98 -0.66 -21.30
CA ALA A 19 6.91 -1.02 -22.21
C ALA A 19 6.07 0.22 -22.41
N ILE A 20 5.93 0.66 -23.66
CA ILE A 20 5.15 1.85 -23.94
C ILE A 20 3.75 1.47 -24.40
N ALA A 21 2.76 2.19 -23.88
CA ALA A 21 1.36 2.00 -24.22
C ALA A 21 0.97 3.16 -25.12
N SER A 22 0.65 2.86 -26.38
CA SER A 22 0.27 3.90 -27.33
C SER A 22 -0.74 4.87 -26.76
N GLY A 23 -1.72 4.34 -26.03
CA GLY A 23 -2.77 5.16 -25.45
C GLY A 23 -2.35 6.21 -24.44
N LYS A 24 -1.12 6.11 -23.94
CA LYS A 24 -0.65 7.07 -22.94
C LYS A 24 0.40 8.05 -23.45
N LEU A 25 0.78 7.94 -24.73
CA LEU A 25 1.77 8.85 -25.27
C LEU A 25 1.27 10.29 -25.34
N GLY A 26 0.03 10.49 -24.91
CA GLY A 26 -0.56 11.83 -24.91
C GLY A 26 -0.71 12.36 -23.50
N ASP A 27 -0.18 11.59 -22.54
CA ASP A 27 -0.21 11.91 -21.12
C ASP A 27 1.18 12.47 -20.79
N SER A 28 1.31 13.80 -20.77
CA SER A 28 2.61 14.40 -20.49
C SER A 28 3.31 13.92 -19.23
N ALA A 29 2.55 13.63 -18.16
CA ALA A 29 3.17 13.15 -16.93
C ALA A 29 3.85 11.83 -17.22
N TYR A 30 3.20 11.04 -18.07
CA TYR A 30 3.70 9.74 -18.46
C TYR A 30 4.92 9.86 -19.38
N THR A 31 4.80 10.63 -20.45
CA THR A 31 5.90 10.78 -21.41
C THR A 31 7.11 11.49 -20.84
N THR A 32 6.89 12.32 -19.82
CA THR A 32 7.98 13.03 -19.18
C THR A 32 8.91 12.02 -18.51
N ILE A 33 8.34 11.01 -17.87
CA ILE A 33 9.13 9.97 -17.21
C ILE A 33 9.74 9.03 -18.25
N ALA A 34 8.90 8.46 -19.09
CA ALA A 34 9.33 7.52 -20.13
C ALA A 34 10.50 8.02 -20.99
N SER A 35 10.36 9.20 -21.58
CA SER A 35 11.38 9.78 -22.44
C SER A 35 12.70 10.09 -21.74
N ARG A 36 12.66 10.30 -20.43
CA ARG A 36 13.84 10.64 -19.66
C ARG A 36 14.60 9.44 -19.09
N GLU A 37 13.87 8.46 -18.57
CA GLU A 37 14.48 7.29 -17.93
C GLU A 37 14.87 6.11 -18.80
N PHE A 38 14.32 6.01 -20.00
CA PHE A 38 14.60 4.85 -20.83
C PHE A 38 15.21 5.09 -22.20
N ASN A 39 16.02 4.13 -22.66
CA ASN A 39 16.63 4.21 -23.97
C ASN A 39 16.38 2.96 -24.81
N MET A 40 15.34 2.23 -24.42
CA MET A 40 14.89 1.03 -25.13
C MET A 40 13.39 1.01 -24.91
N VAL A 41 12.65 0.62 -25.95
CA VAL A 41 11.21 0.58 -25.89
C VAL A 41 10.63 -0.68 -26.51
N THR A 42 9.52 -1.14 -25.94
CA THR A 42 8.81 -2.31 -26.45
C THR A 42 7.34 -1.91 -26.49
N ALA A 43 6.69 -2.10 -27.63
CA ALA A 43 5.26 -1.80 -27.74
C ALA A 43 4.59 -2.81 -26.80
N GLU A 44 3.81 -2.32 -25.85
CA GLU A 44 3.15 -3.22 -24.91
C GLU A 44 2.14 -4.12 -25.59
N ASN A 45 1.54 -3.66 -26.69
CA ASN A 45 0.54 -4.46 -27.38
C ASN A 45 0.46 -4.17 -28.88
N GLU A 46 0.72 -2.91 -29.24
CA GLU A 46 0.64 -2.43 -30.62
C GLU A 46 1.29 -3.26 -31.73
N MET A 47 2.30 -4.06 -31.39
CA MET A 47 2.97 -4.89 -32.39
C MET A 47 2.68 -6.38 -32.30
N LYS A 48 1.70 -6.75 -31.47
CA LYS A 48 1.34 -8.16 -31.35
C LYS A 48 0.58 -8.59 -32.59
N ILE A 49 0.32 -9.88 -32.72
CA ILE A 49 -0.37 -10.43 -33.88
C ILE A 49 -1.74 -9.82 -34.17
N ASP A 50 -2.63 -9.89 -33.20
CA ASP A 50 -3.97 -9.36 -33.38
C ASP A 50 -3.96 -7.89 -33.75
N ALA A 51 -2.96 -7.17 -33.23
CA ALA A 51 -2.84 -5.73 -33.48
C ALA A 51 -2.28 -5.34 -34.85
N THR A 52 -1.40 -6.17 -35.40
CA THR A 52 -0.80 -5.85 -36.70
C THR A 52 -1.42 -6.54 -37.91
N GLU A 53 -2.18 -7.61 -37.68
CA GLU A 53 -2.84 -8.31 -38.78
C GLU A 53 -4.25 -8.72 -38.37
N PRO A 54 -5.17 -7.74 -38.26
CA PRO A 54 -6.56 -7.95 -37.88
C PRO A 54 -7.33 -8.86 -38.84
N GLN A 55 -6.77 -9.04 -40.02
CA GLN A 55 -7.35 -9.88 -41.05
C GLN A 55 -6.16 -10.54 -41.75
N ARG A 56 -6.25 -11.82 -42.11
CA ARG A 56 -5.10 -12.43 -42.75
C ARG A 56 -4.68 -11.66 -43.99
N GLY A 57 -3.37 -11.46 -44.14
CA GLY A 57 -2.84 -10.74 -45.29
C GLY A 57 -3.17 -9.26 -45.31
N GLN A 58 -3.91 -8.79 -44.31
CA GLN A 58 -4.27 -7.38 -44.21
C GLN A 58 -3.60 -6.82 -42.95
N PHE A 59 -2.43 -6.23 -43.15
CA PHE A 59 -1.65 -5.68 -42.04
C PHE A 59 -1.97 -4.24 -41.67
N ASN A 60 -1.90 -3.96 -40.37
CA ASN A 60 -2.16 -2.64 -39.81
C ASN A 60 -1.02 -2.26 -38.87
N PHE A 61 -0.15 -1.35 -39.31
CA PHE A 61 0.99 -0.91 -38.52
C PHE A 61 0.83 0.49 -37.92
N SER A 62 -0.39 1.01 -37.98
CA SER A 62 -0.70 2.33 -37.46
C SER A 62 -0.24 2.59 -36.01
N ALA A 63 -0.67 1.74 -35.09
CA ALA A 63 -0.32 1.90 -33.68
C ALA A 63 1.11 1.49 -33.36
N GLY A 64 1.63 0.48 -34.03
CA GLY A 64 2.98 0.04 -33.77
C GLY A 64 3.95 1.14 -34.15
N ASP A 65 3.70 1.79 -35.28
CA ASP A 65 4.56 2.87 -35.75
C ASP A 65 4.53 4.09 -34.84
N ARG A 66 3.36 4.39 -34.27
CA ARG A 66 3.24 5.51 -33.36
C ARG A 66 4.26 5.31 -32.24
N VAL A 67 4.27 4.10 -31.68
CA VAL A 67 5.20 3.77 -30.61
C VAL A 67 6.62 3.70 -31.14
N TYR A 68 6.81 3.07 -32.29
CA TYR A 68 8.14 2.97 -32.88
C TYR A 68 8.75 4.35 -33.15
N ASN A 69 7.93 5.27 -33.66
CA ASN A 69 8.42 6.61 -33.96
C ASN A 69 8.76 7.36 -32.68
N TRP A 70 7.83 7.34 -31.74
CA TRP A 70 8.04 8.02 -30.47
C TRP A 70 9.37 7.55 -29.89
N ALA A 71 9.63 6.25 -29.98
CA ALA A 71 10.85 5.68 -29.44
C ALA A 71 12.10 6.23 -30.13
N VAL A 72 12.17 6.08 -31.45
CA VAL A 72 13.32 6.56 -32.22
C VAL A 72 13.53 8.07 -32.09
N GLN A 73 12.44 8.83 -32.17
CA GLN A 73 12.52 10.29 -32.03
C GLN A 73 12.98 10.71 -30.65
N ASN A 74 12.93 9.79 -29.69
CA ASN A 74 13.34 10.10 -28.32
C ASN A 74 14.59 9.36 -27.87
N GLY A 75 15.39 8.92 -28.83
CA GLY A 75 16.63 8.25 -28.53
C GLY A 75 16.54 6.86 -27.92
N LYS A 76 15.46 6.14 -28.20
CA LYS A 76 15.32 4.79 -27.68
C LYS A 76 15.28 3.74 -28.78
N GLN A 77 15.93 2.60 -28.54
CA GLN A 77 15.93 1.50 -29.51
C GLN A 77 14.61 0.77 -29.30
N VAL A 78 14.28 -0.14 -30.21
CA VAL A 78 13.03 -0.86 -30.11
C VAL A 78 13.11 -2.39 -30.18
N ARG A 79 12.31 -3.04 -29.35
CA ARG A 79 12.22 -4.51 -29.31
C ARG A 79 10.83 -4.87 -29.85
N GLY A 80 10.77 -5.66 -30.91
CA GLY A 80 9.49 -6.06 -31.46
C GLY A 80 8.93 -7.17 -30.61
N HIS A 81 7.64 -7.11 -30.31
CA HIS A 81 6.99 -8.10 -29.45
C HIS A 81 5.51 -8.22 -29.80
N ALA A 82 5.02 -9.38 -30.24
CA ALA A 82 5.78 -10.62 -30.44
C ALA A 82 5.29 -11.20 -31.79
N LEU A 83 6.12 -11.99 -32.47
CA LEU A 83 5.75 -12.52 -33.78
C LEU A 83 4.95 -13.81 -33.90
N ALA A 84 5.31 -14.82 -33.11
CA ALA A 84 4.61 -16.09 -33.19
C ALA A 84 4.43 -16.75 -31.83
N TRP A 85 3.19 -16.68 -31.31
CA TRP A 85 2.87 -17.28 -30.02
C TRP A 85 1.37 -17.54 -29.95
N HIS A 86 0.96 -18.33 -28.97
CA HIS A 86 -0.42 -18.73 -28.81
C HIS A 86 -1.37 -17.65 -28.28
N SER A 87 -0.86 -16.76 -27.44
CA SER A 87 -1.69 -15.71 -26.86
C SER A 87 -1.90 -14.50 -27.75
N GLN A 88 -3.02 -13.83 -27.52
CA GLN A 88 -3.41 -12.64 -28.25
C GLN A 88 -3.34 -12.72 -29.77
N GLN A 89 -3.91 -13.80 -30.30
CA GLN A 89 -3.97 -14.00 -31.75
C GLN A 89 -5.29 -13.42 -32.19
N PRO A 90 -5.35 -12.86 -33.40
CA PRO A 90 -6.64 -12.32 -33.80
C PRO A 90 -7.61 -13.49 -33.87
N GLY A 91 -8.90 -13.22 -33.79
CA GLY A 91 -9.88 -14.29 -33.83
C GLY A 91 -9.76 -15.22 -35.03
N TRP A 92 -9.22 -14.72 -36.14
CA TRP A 92 -9.09 -15.55 -37.33
C TRP A 92 -7.93 -16.53 -37.33
N MET A 93 -6.93 -16.29 -36.49
CA MET A 93 -5.79 -17.19 -36.44
C MET A 93 -6.06 -18.30 -35.43
N GLN A 94 -6.82 -17.97 -34.39
CA GLN A 94 -7.16 -18.94 -33.37
C GLN A 94 -7.90 -20.12 -34.00
N SER A 95 -8.76 -19.81 -34.95
CA SER A 95 -9.57 -20.82 -35.64
C SER A 95 -8.71 -21.71 -36.53
N LEU A 96 -7.70 -21.11 -37.17
CA LEU A 96 -6.82 -21.85 -38.06
C LEU A 96 -6.16 -23.06 -37.39
N SER A 97 -5.65 -23.96 -38.21
CA SER A 97 -4.99 -25.17 -37.74
C SER A 97 -4.20 -25.83 -38.87
N GLY A 98 -3.32 -26.76 -38.51
CA GLY A 98 -2.53 -27.46 -39.50
C GLY A 98 -1.65 -26.59 -40.37
N SER A 99 -1.40 -27.07 -41.58
CA SER A 99 -0.54 -26.38 -42.55
C SER A 99 -0.98 -24.97 -42.92
N THR A 100 -2.27 -24.70 -42.79
CA THR A 100 -2.77 -23.37 -43.12
C THR A 100 -2.35 -22.39 -42.04
N LEU A 101 -2.21 -22.88 -40.82
CA LEU A 101 -1.78 -22.06 -39.69
C LEU A 101 -0.29 -21.81 -39.87
N ARG A 102 0.46 -22.87 -40.14
CA ARG A 102 1.89 -22.76 -40.33
C ARG A 102 2.17 -21.69 -41.39
N GLN A 103 1.42 -21.75 -42.49
CA GLN A 103 1.59 -20.79 -43.57
C GLN A 103 1.28 -19.37 -43.12
N ALA A 104 0.21 -19.22 -42.34
CA ALA A 104 -0.18 -17.91 -41.82
C ALA A 104 0.91 -17.37 -40.91
N MET A 105 1.45 -18.24 -40.06
CA MET A 105 2.51 -17.88 -39.14
C MET A 105 3.66 -17.30 -39.96
N ILE A 106 4.07 -18.03 -40.98
CA ILE A 106 5.16 -17.61 -41.87
C ILE A 106 4.89 -16.21 -42.45
N ASP A 107 3.74 -16.05 -43.08
CA ASP A 107 3.36 -14.78 -43.68
C ASP A 107 3.28 -13.61 -42.71
N HIS A 108 2.82 -13.85 -41.50
CA HIS A 108 2.73 -12.78 -40.50
C HIS A 108 4.13 -12.30 -40.21
N ILE A 109 5.04 -13.24 -39.99
CA ILE A 109 6.43 -12.93 -39.70
C ILE A 109 7.04 -12.09 -40.83
N ASN A 110 6.79 -12.50 -42.07
CA ASN A 110 7.33 -11.77 -43.21
C ASN A 110 6.69 -10.39 -43.34
N GLY A 111 5.38 -10.34 -43.16
CA GLY A 111 4.67 -9.08 -43.29
C GLY A 111 5.08 -8.03 -42.30
N VAL A 112 5.13 -8.41 -41.02
CA VAL A 112 5.51 -7.47 -39.98
C VAL A 112 7.00 -7.13 -40.00
N MET A 113 7.85 -8.16 -40.08
CA MET A 113 9.29 -7.89 -40.10
C MET A 113 9.70 -7.17 -41.38
N GLY A 114 8.89 -7.28 -42.42
CA GLY A 114 9.20 -6.61 -43.66
C GLY A 114 9.00 -5.11 -43.47
N HIS A 115 7.89 -4.77 -42.82
CA HIS A 115 7.54 -3.38 -42.56
C HIS A 115 8.59 -2.70 -41.71
N TYR A 116 9.04 -3.38 -40.66
CA TYR A 116 10.04 -2.82 -39.75
C TYR A 116 11.48 -3.17 -40.11
N LYS A 117 11.66 -3.91 -41.20
CA LYS A 117 12.98 -4.32 -41.64
C LYS A 117 14.09 -3.28 -41.45
N GLY A 118 15.07 -3.61 -40.61
CA GLY A 118 16.18 -2.71 -40.36
C GLY A 118 15.96 -1.69 -39.26
N LYS A 119 14.74 -1.63 -38.74
CA LYS A 119 14.41 -0.65 -37.71
C LYS A 119 14.33 -1.23 -36.30
N ILE A 120 14.28 -2.57 -36.21
CA ILE A 120 14.17 -3.25 -34.92
C ILE A 120 15.45 -3.92 -34.41
N ALA A 121 15.90 -3.50 -33.22
CA ALA A 121 17.10 -4.07 -32.63
C ALA A 121 16.90 -5.54 -32.24
N GLN A 122 15.77 -5.84 -31.63
CA GLN A 122 15.44 -7.20 -31.19
C GLN A 122 14.01 -7.56 -31.54
N TRP A 123 13.82 -8.80 -31.96
CA TRP A 123 12.50 -9.31 -32.33
C TRP A 123 12.21 -10.58 -31.53
N ASP A 124 11.12 -10.56 -30.75
CA ASP A 124 10.74 -11.75 -30.01
C ASP A 124 10.03 -12.58 -31.07
N VAL A 125 10.78 -13.40 -31.80
CA VAL A 125 10.19 -14.21 -32.85
C VAL A 125 9.17 -15.21 -32.32
N VAL A 126 9.52 -15.92 -31.24
CA VAL A 126 8.63 -16.90 -30.64
C VAL A 126 8.54 -16.69 -29.14
N SER A 127 7.33 -16.79 -28.60
CA SER A 127 7.13 -16.57 -27.17
C SER A 127 6.13 -17.55 -26.53
N HIS A 128 6.32 -17.84 -25.25
CA HIS A 128 5.43 -18.72 -24.50
C HIS A 128 5.30 -20.12 -25.09
N ALA A 129 6.36 -20.62 -25.71
CA ALA A 129 6.32 -21.94 -26.36
C ALA A 129 6.28 -23.15 -25.42
N PHE A 130 6.82 -23.01 -24.21
CA PHE A 130 6.85 -24.13 -23.28
C PHE A 130 5.77 -24.09 -22.21
N SER A 131 5.41 -25.27 -21.71
CA SER A 131 4.36 -25.41 -20.70
C SER A 131 4.80 -25.19 -19.26
N ASP A 132 3.81 -25.04 -18.39
CA ASP A 132 4.03 -24.86 -16.96
C ASP A 132 3.56 -26.11 -16.22
N ASP A 133 3.61 -27.26 -16.89
CA ASP A 133 3.16 -28.50 -16.28
C ASP A 133 4.25 -29.34 -15.61
N GLY A 134 5.45 -28.78 -15.47
CA GLY A 134 6.53 -29.50 -14.83
C GLY A 134 7.33 -30.48 -15.69
N SER A 135 6.83 -30.82 -16.86
CA SER A 135 7.53 -31.78 -17.71
C SER A 135 8.62 -31.15 -18.58
N GLY A 136 8.62 -29.83 -18.70
CA GLY A 136 9.62 -29.18 -19.52
C GLY A 136 9.35 -29.36 -21.00
N GLY A 137 8.09 -29.60 -21.33
CA GLY A 137 7.71 -29.79 -22.72
C GLY A 137 6.90 -28.63 -23.30
N ARG A 138 6.78 -28.61 -24.62
CA ARG A 138 6.04 -27.58 -25.34
C ARG A 138 4.59 -27.51 -24.85
N ARG A 139 4.06 -26.29 -24.72
CA ARG A 139 2.67 -26.14 -24.28
C ARG A 139 1.84 -26.58 -25.48
N ASP A 140 0.68 -27.18 -25.23
CA ASP A 140 -0.15 -27.63 -26.34
C ASP A 140 -0.99 -26.48 -26.88
N SER A 141 -0.57 -25.95 -28.02
CA SER A 141 -1.25 -24.84 -28.68
C SER A 141 -1.46 -25.15 -30.16
N ASN A 142 -2.40 -24.45 -30.79
CA ASN A 142 -2.68 -24.68 -32.20
C ASN A 142 -1.41 -24.62 -33.06
N LEU A 143 -0.42 -23.86 -32.61
CA LEU A 143 0.85 -23.73 -33.32
C LEU A 143 1.72 -24.98 -33.15
N GLN A 144 1.81 -25.46 -31.91
CA GLN A 144 2.61 -26.64 -31.60
C GLN A 144 2.09 -27.88 -32.34
N ARG A 145 0.78 -27.90 -32.58
CA ARG A 145 0.16 -29.03 -33.27
C ARG A 145 0.52 -29.05 -34.75
N THR A 146 0.92 -27.89 -35.28
CA THR A 146 1.30 -27.79 -36.68
C THR A 146 2.66 -28.44 -36.93
N GLY A 147 3.29 -28.89 -35.85
CA GLY A 147 4.60 -29.51 -35.97
C GLY A 147 5.59 -28.89 -34.99
N ASN A 148 6.25 -29.74 -34.22
CA ASN A 148 7.22 -29.29 -33.22
C ASN A 148 8.28 -28.38 -33.83
N ASP A 149 8.45 -28.48 -35.14
CA ASP A 149 9.45 -27.68 -35.85
C ASP A 149 9.00 -26.26 -36.18
N TRP A 150 7.85 -25.85 -35.63
CA TRP A 150 7.36 -24.51 -35.92
C TRP A 150 8.26 -23.41 -35.40
N ILE A 151 8.88 -23.64 -34.24
CA ILE A 151 9.76 -22.65 -33.66
C ILE A 151 10.98 -22.45 -34.56
N GLU A 152 11.56 -23.55 -35.02
CA GLU A 152 12.73 -23.48 -35.90
C GLU A 152 12.38 -22.78 -37.20
N VAL A 153 11.19 -23.08 -37.72
CA VAL A 153 10.72 -22.49 -38.96
C VAL A 153 10.55 -20.98 -38.81
N ALA A 154 9.83 -20.58 -37.76
CA ALA A 154 9.60 -19.17 -37.49
C ALA A 154 10.91 -18.40 -37.46
N PHE A 155 11.94 -19.02 -36.87
CA PHE A 155 13.25 -18.39 -36.78
C PHE A 155 13.98 -18.28 -38.11
N ARG A 156 13.92 -19.34 -38.92
CA ARG A 156 14.58 -19.29 -40.21
C ARG A 156 13.85 -18.24 -41.06
N THR A 157 12.54 -18.21 -40.94
CA THR A 157 11.72 -17.24 -41.66
C THR A 157 12.18 -15.83 -41.27
N ALA A 158 12.20 -15.58 -39.96
CA ALA A 158 12.61 -14.29 -39.41
C ALA A 158 13.99 -13.86 -39.88
N ARG A 159 14.96 -14.77 -39.83
CA ARG A 159 16.31 -14.44 -40.25
C ARG A 159 16.30 -13.91 -41.68
N ALA A 160 15.60 -14.61 -42.57
CA ALA A 160 15.54 -14.20 -43.96
C ALA A 160 14.83 -12.86 -44.10
N ALA A 161 13.73 -12.70 -43.35
CA ALA A 161 12.95 -11.46 -43.41
C ALA A 161 13.78 -10.23 -43.02
N ASP A 162 14.54 -10.32 -41.93
CA ASP A 162 15.36 -9.20 -41.50
C ASP A 162 16.67 -9.71 -40.89
N PRO A 163 17.68 -9.96 -41.74
CA PRO A 163 18.98 -10.44 -41.30
C PRO A 163 19.68 -9.49 -40.34
N ALA A 164 19.17 -8.27 -40.25
CA ALA A 164 19.76 -7.25 -39.39
C ALA A 164 19.28 -7.27 -37.94
N ALA A 165 18.08 -7.79 -37.72
CA ALA A 165 17.52 -7.84 -36.38
C ALA A 165 18.00 -9.04 -35.58
N LYS A 166 18.15 -8.86 -34.27
CA LYS A 166 18.56 -9.95 -33.41
C LYS A 166 17.25 -10.69 -33.08
N LEU A 167 17.26 -12.00 -33.26
CA LEU A 167 16.09 -12.83 -33.04
C LEU A 167 16.13 -13.50 -31.68
N CYS A 168 15.12 -13.24 -30.85
CA CYS A 168 15.08 -13.83 -29.51
C CYS A 168 13.91 -14.77 -29.27
N TYR A 169 14.14 -15.75 -28.40
CA TYR A 169 13.07 -16.65 -27.99
C TYR A 169 12.68 -16.02 -26.64
N ASN A 170 11.38 -15.84 -26.41
CA ASN A 170 10.95 -15.19 -25.17
C ASN A 170 9.99 -16.03 -24.34
N ASP A 171 10.15 -15.98 -23.01
CA ASP A 171 9.27 -16.74 -22.15
C ASP A 171 9.32 -16.32 -20.69
N TYR A 172 8.35 -16.82 -19.92
CA TYR A 172 8.28 -16.54 -18.49
C TYR A 172 8.56 -17.81 -17.69
N ASN A 173 8.76 -17.64 -16.39
CA ASN A 173 9.07 -18.78 -15.52
C ASN A 173 10.21 -19.66 -16.02
N ILE A 174 11.20 -19.05 -16.67
CA ILE A 174 12.38 -19.80 -17.12
C ILE A 174 13.63 -19.11 -16.56
N GLU A 175 13.46 -18.38 -15.45
CA GLU A 175 14.55 -17.67 -14.80
C GLU A 175 15.24 -18.55 -13.77
N ASN A 176 14.47 -19.38 -13.06
CA ASN A 176 15.06 -20.26 -12.04
C ASN A 176 15.70 -21.44 -12.74
N TRP A 177 17.02 -21.54 -12.61
CA TRP A 177 17.78 -22.61 -13.24
C TRP A 177 17.32 -24.03 -12.90
N THR A 178 16.74 -24.20 -11.71
CA THR A 178 16.30 -25.52 -11.29
C THR A 178 14.97 -26.00 -11.88
N TRP A 179 14.20 -25.09 -12.47
CA TRP A 179 12.91 -25.47 -13.03
C TRP A 179 12.98 -26.27 -14.33
N ALA A 180 12.05 -27.20 -14.48
CA ALA A 180 11.99 -28.04 -15.67
C ALA A 180 11.78 -27.20 -16.92
N LYS A 181 10.89 -26.21 -16.85
CA LYS A 181 10.61 -25.34 -17.97
C LYS A 181 11.87 -24.65 -18.48
N THR A 182 12.70 -24.18 -17.55
CA THR A 182 13.94 -23.51 -17.90
C THR A 182 14.88 -24.46 -18.65
N GLN A 183 15.01 -25.68 -18.14
CA GLN A 183 15.86 -26.67 -18.78
C GLN A 183 15.37 -26.98 -20.19
N GLY A 184 14.06 -27.14 -20.33
CA GLY A 184 13.49 -27.40 -21.63
C GLY A 184 13.91 -26.35 -22.64
N VAL A 185 13.80 -25.08 -22.24
CA VAL A 185 14.20 -24.00 -23.13
C VAL A 185 15.70 -24.09 -23.38
N TYR A 186 16.46 -24.39 -22.33
CA TYR A 186 17.91 -24.49 -22.43
C TYR A 186 18.31 -25.52 -23.48
N ASN A 187 17.70 -26.69 -23.41
CA ASN A 187 18.03 -27.75 -24.35
C ASN A 187 17.66 -27.36 -25.79
N MET A 188 16.51 -26.73 -25.97
CA MET A 188 16.07 -26.31 -27.30
C MET A 188 17.05 -25.33 -27.92
N VAL A 189 17.47 -24.33 -27.15
CA VAL A 189 18.40 -23.32 -27.66
C VAL A 189 19.77 -23.96 -27.91
N ARG A 190 20.16 -24.88 -27.04
CA ARG A 190 21.45 -25.55 -27.20
C ARG A 190 21.39 -26.40 -28.48
N ASP A 191 20.26 -27.07 -28.68
CA ASP A 191 20.06 -27.89 -29.86
C ASP A 191 20.09 -27.02 -31.11
N PHE A 192 19.40 -25.89 -31.07
CA PHE A 192 19.36 -24.97 -32.21
C PHE A 192 20.75 -24.49 -32.61
N LYS A 193 21.51 -24.02 -31.63
CA LYS A 193 22.85 -23.52 -31.91
C LYS A 193 23.74 -24.57 -32.58
N GLN A 194 23.62 -25.82 -32.13
CA GLN A 194 24.42 -26.90 -32.71
C GLN A 194 24.02 -27.17 -34.16
N ARG A 195 22.71 -27.23 -34.40
CA ARG A 195 22.20 -27.50 -35.75
C ARG A 195 22.25 -26.30 -36.68
N GLY A 196 22.58 -25.13 -36.15
CA GLY A 196 22.65 -23.94 -36.98
C GLY A 196 21.37 -23.14 -37.06
N VAL A 197 20.38 -23.44 -36.22
CA VAL A 197 19.14 -22.69 -36.22
C VAL A 197 19.46 -21.24 -35.83
N PRO A 198 19.09 -20.28 -36.69
CA PRO A 198 19.35 -18.85 -36.46
C PRO A 198 18.63 -18.15 -35.32
N ILE A 199 19.08 -18.40 -34.09
CA ILE A 199 18.52 -17.74 -32.91
C ILE A 199 19.68 -16.99 -32.26
N ASP A 200 19.49 -15.70 -32.05
CA ASP A 200 20.54 -14.86 -31.48
C ASP A 200 20.39 -14.54 -29.99
N CYS A 201 19.20 -14.75 -29.43
CA CYS A 201 18.99 -14.41 -28.03
C CYS A 201 17.81 -15.08 -27.36
N VAL A 202 17.82 -15.02 -26.04
CA VAL A 202 16.75 -15.57 -25.24
C VAL A 202 16.32 -14.44 -24.32
N GLY A 203 15.03 -14.13 -24.33
CA GLY A 203 14.53 -13.08 -23.48
C GLY A 203 13.88 -13.67 -22.25
N PHE A 204 14.22 -13.15 -21.07
CA PHE A 204 13.66 -13.62 -19.83
C PHE A 204 12.71 -12.55 -19.30
N GLN A 205 11.42 -12.79 -19.52
CA GLN A 205 10.37 -11.85 -19.13
C GLN A 205 10.58 -11.39 -17.70
N SER A 206 11.05 -12.30 -16.85
CA SER A 206 11.32 -11.98 -15.45
C SER A 206 10.16 -11.34 -14.69
N HIS A 207 9.01 -12.01 -14.67
CA HIS A 207 7.87 -11.52 -13.91
C HIS A 207 7.98 -12.25 -12.57
N PHE A 208 8.46 -11.54 -11.55
CA PHE A 208 8.63 -12.15 -10.23
C PHE A 208 7.56 -11.75 -9.23
N ASN A 209 7.08 -12.73 -8.47
CA ASN A 209 6.07 -12.53 -7.43
C ASN A 209 6.11 -13.70 -6.45
N SER A 210 5.29 -13.67 -5.41
CA SER A 210 5.31 -14.76 -4.44
C SER A 210 4.99 -16.11 -5.11
N GLY A 211 4.33 -16.07 -6.26
CA GLY A 211 4.01 -17.28 -6.98
C GLY A 211 5.24 -17.84 -7.67
N SER A 212 5.98 -16.97 -8.34
CA SER A 212 7.21 -17.34 -9.04
C SER A 212 8.30 -16.36 -8.60
N PRO A 213 8.76 -16.49 -7.35
CA PRO A 213 9.78 -15.62 -6.79
C PRO A 213 11.13 -15.64 -7.48
N TYR A 214 11.85 -14.54 -7.35
CA TYR A 214 13.18 -14.43 -7.92
C TYR A 214 14.10 -15.32 -7.09
N ASN A 215 15.16 -15.81 -7.72
CA ASN A 215 16.12 -16.65 -7.05
C ASN A 215 17.49 -16.26 -7.59
N SER A 216 18.47 -16.21 -6.72
CA SER A 216 19.81 -15.82 -7.12
C SER A 216 20.35 -16.68 -8.27
N ASN A 217 19.86 -17.92 -8.42
CA ASN A 217 20.35 -18.75 -9.51
C ASN A 217 19.97 -18.19 -10.87
N PHE A 218 19.15 -17.15 -10.88
CA PHE A 218 18.74 -16.53 -12.13
C PHE A 218 19.98 -16.13 -12.91
N ARG A 219 20.97 -15.59 -12.21
CA ARG A 219 22.24 -15.20 -12.81
C ARG A 219 22.87 -16.45 -13.47
N THR A 220 22.85 -17.56 -12.73
CA THR A 220 23.39 -18.81 -13.24
C THR A 220 22.68 -19.16 -14.56
N THR A 221 21.36 -18.97 -14.60
CA THR A 221 20.61 -19.25 -15.81
C THR A 221 21.16 -18.36 -16.93
N LEU A 222 21.19 -17.06 -16.68
CA LEU A 222 21.70 -16.12 -17.66
C LEU A 222 23.06 -16.55 -18.16
N GLN A 223 23.96 -16.84 -17.24
CA GLN A 223 25.31 -17.26 -17.57
C GLN A 223 25.35 -18.55 -18.41
N ASN A 224 24.45 -19.48 -18.13
CA ASN A 224 24.42 -20.72 -18.90
C ASN A 224 23.96 -20.49 -20.34
N PHE A 225 22.92 -19.69 -20.53
CA PHE A 225 22.44 -19.41 -21.86
C PHE A 225 23.47 -18.63 -22.64
N ALA A 226 24.17 -17.74 -21.96
CA ALA A 226 25.20 -16.92 -22.59
C ALA A 226 26.34 -17.80 -23.10
N ALA A 227 26.65 -18.85 -22.34
CA ALA A 227 27.71 -19.77 -22.70
C ALA A 227 27.39 -20.48 -24.00
N LEU A 228 26.10 -20.52 -24.36
CA LEU A 228 25.67 -21.18 -25.59
C LEU A 228 25.94 -20.32 -26.82
N GLY A 229 26.34 -19.07 -26.60
CA GLY A 229 26.62 -18.20 -27.71
C GLY A 229 25.46 -17.30 -28.10
N VAL A 230 24.51 -17.10 -27.20
CA VAL A 230 23.37 -16.24 -27.51
C VAL A 230 23.28 -15.16 -26.43
N ASP A 231 22.94 -13.94 -26.84
CA ASP A 231 22.80 -12.86 -25.88
C ASP A 231 21.55 -13.15 -25.06
N VAL A 232 21.45 -12.50 -23.90
CA VAL A 232 20.30 -12.68 -23.04
C VAL A 232 19.75 -11.31 -22.71
N ALA A 233 18.49 -11.25 -22.32
CA ALA A 233 17.89 -9.97 -21.98
C ALA A 233 16.68 -10.14 -21.05
N ILE A 234 16.60 -9.28 -20.04
CA ILE A 234 15.47 -9.28 -19.13
C ILE A 234 14.47 -8.43 -19.91
N THR A 235 13.40 -9.09 -20.38
CA THR A 235 12.43 -8.41 -21.22
C THR A 235 11.20 -7.74 -20.63
N GLU A 236 10.59 -8.34 -19.61
CA GLU A 236 9.39 -7.75 -19.04
C GLU A 236 9.43 -7.75 -17.50
N LEU A 237 10.53 -7.29 -16.97
CA LEU A 237 10.73 -7.25 -15.52
C LEU A 237 9.75 -6.41 -14.72
N ASP A 238 9.24 -7.02 -13.66
CA ASP A 238 8.38 -6.36 -12.69
C ASP A 238 8.40 -7.30 -11.48
N ILE A 239 8.53 -6.70 -10.30
CA ILE A 239 8.62 -7.46 -9.07
C ILE A 239 7.53 -7.07 -8.10
N GLN A 240 6.71 -8.04 -7.72
CA GLN A 240 5.62 -7.82 -6.78
C GLN A 240 6.22 -7.19 -5.52
N GLY A 241 5.70 -6.02 -5.13
CA GLY A 241 6.20 -5.34 -3.96
C GLY A 241 7.34 -4.38 -4.26
N ALA A 242 7.98 -4.58 -5.41
CA ALA A 242 9.11 -3.74 -5.84
C ALA A 242 10.24 -3.67 -4.81
N SER A 243 10.57 -4.82 -4.24
CA SER A 243 11.65 -4.91 -3.26
C SER A 243 12.91 -4.24 -3.82
N SER A 244 13.55 -3.44 -2.99
CA SER A 244 14.77 -2.75 -3.38
C SER A 244 15.88 -3.74 -3.69
N SER A 245 16.06 -4.71 -2.79
CA SER A 245 17.10 -5.69 -2.95
C SER A 245 16.93 -6.57 -4.18
N THR A 246 15.71 -7.03 -4.40
CA THR A 246 15.44 -7.88 -5.54
C THR A 246 15.71 -7.13 -6.83
N TYR A 247 15.22 -5.89 -6.91
CA TYR A 247 15.43 -5.08 -8.11
C TYR A 247 16.92 -4.85 -8.36
N ALA A 248 17.66 -4.58 -7.28
CA ALA A 248 19.09 -4.36 -7.40
C ALA A 248 19.76 -5.69 -7.76
N ALA A 249 19.21 -6.79 -7.26
CA ALA A 249 19.77 -8.11 -7.55
C ALA A 249 19.66 -8.46 -9.03
N VAL A 250 18.48 -8.24 -9.62
CA VAL A 250 18.28 -8.53 -11.04
C VAL A 250 19.22 -7.67 -11.88
N THR A 251 19.39 -6.41 -11.48
CA THR A 251 20.27 -5.52 -12.20
C THR A 251 21.72 -6.00 -12.15
N ASN A 252 22.15 -6.51 -11.01
CA ASN A 252 23.52 -7.00 -10.86
C ASN A 252 23.73 -8.34 -11.56
N ASP A 253 22.65 -9.07 -11.81
CA ASP A 253 22.78 -10.36 -12.49
C ASP A 253 23.11 -10.08 -13.95
N CYS A 254 22.49 -9.05 -14.50
CA CYS A 254 22.69 -8.65 -15.88
C CYS A 254 24.03 -7.96 -16.07
N LEU A 255 24.45 -7.19 -15.07
CA LEU A 255 25.74 -6.51 -15.10
C LEU A 255 26.83 -7.58 -15.00
N ALA A 256 26.46 -8.72 -14.43
CA ALA A 256 27.40 -9.83 -14.25
C ALA A 256 27.58 -10.69 -15.49
N VAL A 257 26.76 -10.46 -16.50
CA VAL A 257 26.84 -11.24 -17.73
C VAL A 257 27.12 -10.33 -18.90
N SER A 258 28.31 -10.44 -19.48
CA SER A 258 28.69 -9.58 -20.61
C SER A 258 27.74 -9.65 -21.79
N ARG A 259 27.04 -10.78 -21.91
CA ARG A 259 26.10 -10.98 -23.01
C ARG A 259 24.69 -10.47 -22.71
N CYS A 260 24.46 -10.01 -21.48
CA CYS A 260 23.15 -9.49 -21.11
C CYS A 260 23.08 -8.11 -21.74
N LEU A 261 22.21 -7.95 -22.73
CA LEU A 261 22.06 -6.70 -23.46
C LEU A 261 21.46 -5.57 -22.65
N GLY A 262 20.59 -5.90 -21.71
CA GLY A 262 19.97 -4.86 -20.92
C GLY A 262 18.70 -5.30 -20.22
N ILE A 263 18.06 -4.37 -19.54
CA ILE A 263 16.84 -4.68 -18.80
C ILE A 263 15.67 -3.80 -19.17
N THR A 264 14.53 -4.43 -19.37
CA THR A 264 13.28 -3.74 -19.69
C THR A 264 12.28 -4.03 -18.57
N VAL A 265 11.65 -2.99 -18.05
CA VAL A 265 10.63 -3.18 -17.02
C VAL A 265 9.30 -3.04 -17.75
N TRP A 266 8.32 -3.86 -17.38
CA TRP A 266 7.04 -3.85 -18.04
C TRP A 266 6.09 -2.70 -17.65
N GLY A 267 6.51 -1.47 -17.92
CA GLY A 267 5.69 -0.31 -17.60
C GLY A 267 6.46 0.86 -17.00
N VAL A 268 5.83 2.03 -16.97
CA VAL A 268 6.44 3.23 -16.40
C VAL A 268 6.07 3.41 -14.92
N ARG A 269 4.80 3.69 -14.63
CA ARG A 269 4.30 3.87 -13.27
C ARG A 269 3.48 2.66 -12.81
N ASP A 270 3.38 2.45 -11.50
CA ASP A 270 2.60 1.32 -10.98
C ASP A 270 1.18 1.35 -11.49
N THR A 271 0.64 2.55 -11.66
CA THR A 271 -0.71 2.70 -12.15
C THR A 271 -0.85 2.25 -13.61
N ASP A 272 0.28 2.17 -14.33
CA ASP A 272 0.27 1.75 -15.72
C ASP A 272 0.44 0.23 -15.85
N SER A 273 0.86 -0.42 -14.77
CA SER A 273 1.10 -1.85 -14.76
C SER A 273 -0.12 -2.72 -15.09
N TRP A 274 0.14 -3.85 -15.75
CA TRP A 274 -0.91 -4.79 -16.09
C TRP A 274 -1.29 -5.48 -14.78
N ARG A 275 -0.44 -5.29 -13.75
CA ARG A 275 -0.67 -5.87 -12.43
C ARG A 275 -0.38 -4.85 -11.34
N SER A 276 -1.04 -3.70 -11.42
CA SER A 276 -0.85 -2.63 -10.43
C SER A 276 -1.05 -3.07 -8.99
N GLY A 277 -1.90 -4.08 -8.77
CA GLY A 277 -2.14 -4.55 -7.42
C GLY A 277 -0.85 -4.96 -6.74
N ASP A 278 0.14 -5.33 -7.55
CA ASP A 278 1.42 -5.75 -7.02
C ASP A 278 2.46 -4.63 -6.97
N THR A 279 2.06 -3.41 -7.35
CA THR A 279 2.96 -2.25 -7.38
C THR A 279 4.38 -2.75 -7.66
N PRO A 280 4.58 -3.38 -8.83
CA PRO A 280 5.87 -3.96 -9.24
C PRO A 280 6.85 -3.11 -10.03
N LEU A 281 6.53 -1.84 -10.25
CA LEU A 281 7.42 -0.99 -11.03
C LEU A 281 8.28 -0.03 -10.22
N LEU A 282 8.93 0.91 -10.89
CA LEU A 282 9.83 1.85 -10.22
C LEU A 282 9.30 3.24 -9.93
N PHE A 283 8.14 3.58 -10.49
CA PHE A 283 7.54 4.89 -10.25
C PHE A 283 6.13 4.70 -9.72
N ASN A 284 5.75 5.53 -8.74
CA ASN A 284 4.42 5.49 -8.14
C ASN A 284 3.47 6.13 -9.13
N GLY A 285 2.17 6.10 -8.80
CA GLY A 285 1.19 6.70 -9.68
C GLY A 285 1.38 8.20 -9.80
N ASP A 286 1.75 8.85 -8.70
CA ASP A 286 1.96 10.29 -8.73
C ASP A 286 3.25 10.61 -9.47
N GLY A 287 3.93 9.58 -9.97
CA GLY A 287 5.15 9.78 -10.73
C GLY A 287 6.47 9.88 -9.97
N SER A 288 6.40 9.91 -8.65
CA SER A 288 7.61 10.00 -7.85
C SER A 288 8.42 8.71 -7.93
N LYS A 289 9.73 8.82 -7.77
CA LYS A 289 10.63 7.67 -7.81
C LYS A 289 10.46 6.84 -6.56
N LYS A 290 10.44 5.52 -6.74
CA LYS A 290 10.29 4.60 -5.61
C LYS A 290 11.65 4.24 -5.05
N ALA A 291 11.64 3.59 -3.90
CA ALA A 291 12.89 3.18 -3.26
C ALA A 291 13.69 2.29 -4.22
N ALA A 292 12.99 1.45 -4.96
CA ALA A 292 13.65 0.52 -5.89
C ALA A 292 14.32 1.25 -7.03
N TYR A 293 13.77 2.40 -7.41
CA TYR A 293 14.36 3.16 -8.50
C TYR A 293 15.82 3.47 -8.18
N THR A 294 16.05 4.06 -7.02
CA THR A 294 17.40 4.41 -6.60
C THR A 294 18.26 3.17 -6.39
N ALA A 295 17.65 2.09 -5.94
CA ALA A 295 18.39 0.84 -5.73
C ALA A 295 18.92 0.35 -7.09
N VAL A 296 18.15 0.57 -8.15
CA VAL A 296 18.56 0.16 -9.49
C VAL A 296 19.58 1.15 -10.06
N LEU A 297 19.28 2.44 -9.91
CA LEU A 297 20.19 3.47 -10.40
C LEU A 297 21.55 3.22 -9.78
N ASN A 298 21.62 3.17 -8.46
CA ASN A 298 22.88 2.93 -7.77
C ASN A 298 23.59 1.69 -8.31
N ALA A 299 22.82 0.63 -8.52
CA ALA A 299 23.37 -0.62 -9.02
C ALA A 299 23.95 -0.41 -10.42
N LEU A 300 23.17 0.18 -11.32
CA LEU A 300 23.64 0.42 -12.69
C LEU A 300 24.96 1.19 -12.69
N ASN A 301 25.10 2.13 -11.76
CA ASN A 301 26.32 2.93 -11.64
C ASN A 301 27.43 2.20 -10.89
N GLY A 302 27.31 0.88 -10.76
CA GLY A 302 28.33 0.11 -10.05
C GLY A 302 28.09 0.07 -8.56
N GLY A 303 27.41 -0.99 -8.11
CA GLY A 303 27.09 -1.15 -6.70
C GLY A 303 25.81 -1.97 -6.49
N GLY A 311 21.74 -5.70 7.66
CA GLY A 311 20.57 -5.45 8.48
C GLY A 311 20.90 -4.88 9.85
N GLY A 312 20.56 -3.62 10.08
CA GLY A 312 20.82 -2.97 11.35
C GLY A 312 22.13 -2.20 11.37
N GLY A 313 22.06 -0.89 11.64
CA GLY A 313 23.26 -0.08 11.67
C GLY A 313 23.04 1.40 11.91
N GLN A 314 24.13 2.13 12.17
CA GLN A 314 24.05 3.57 12.42
C GLN A 314 24.11 4.43 11.15
N ILE A 315 23.44 5.57 11.19
CA ILE A 315 23.43 6.52 10.09
C ILE A 315 24.11 7.77 10.64
N LYS A 316 25.37 8.00 10.25
CA LYS A 316 26.12 9.16 10.74
C LYS A 316 26.16 10.34 9.76
N GLY A 317 25.93 11.54 10.27
CA GLY A 317 25.94 12.73 9.44
C GLY A 317 27.36 13.11 9.08
N VAL A 318 27.64 13.29 7.79
CA VAL A 318 28.98 13.64 7.34
C VAL A 318 29.43 14.99 7.89
N GLY A 319 28.59 16.00 7.71
CA GLY A 319 28.94 17.32 8.18
C GLY A 319 29.06 17.44 9.68
N SER A 320 28.27 16.67 10.42
CA SER A 320 28.30 16.74 11.87
C SER A 320 29.15 15.70 12.56
N GLY A 321 29.26 14.52 11.95
CA GLY A 321 30.05 13.47 12.57
C GLY A 321 29.23 12.77 13.65
N ARG A 322 27.94 13.09 13.71
CA ARG A 322 27.03 12.51 14.69
C ARG A 322 25.98 11.61 14.03
N CYS A 323 25.41 10.72 14.83
CA CYS A 323 24.41 9.78 14.33
C CYS A 323 22.94 10.18 14.46
N LEU A 324 22.11 9.56 13.63
CA LEU A 324 20.67 9.78 13.62
C LEU A 324 20.22 9.10 14.91
N ASP A 325 19.65 9.91 15.80
CA ASP A 325 19.25 9.43 17.13
C ASP A 325 17.81 9.75 17.52
N VAL A 326 17.21 8.86 18.28
CA VAL A 326 15.83 9.05 18.76
C VAL A 326 15.95 9.46 20.23
N PRO A 327 15.74 10.75 20.53
CA PRO A 327 15.83 11.30 21.88
C PRO A 327 15.40 10.38 23.00
N ASN A 328 16.32 10.17 23.94
CA ASN A 328 16.10 9.33 25.11
C ASN A 328 15.47 7.97 24.82
N ALA A 329 15.73 7.44 23.63
CA ALA A 329 15.20 6.13 23.26
C ALA A 329 13.69 6.02 23.37
N SER A 330 13.00 7.11 23.07
CA SER A 330 11.54 7.10 23.12
C SER A 330 11.00 6.25 21.99
N THR A 331 9.86 5.61 22.23
CA THR A 331 9.22 4.79 21.22
C THR A 331 7.89 5.49 20.92
N THR A 332 7.72 6.68 21.50
CA THR A 332 6.52 7.46 21.32
C THR A 332 6.37 8.00 19.91
N ASP A 333 5.26 7.61 19.26
CA ASP A 333 4.98 8.08 17.92
C ASP A 333 4.98 9.61 17.92
N GLY A 334 5.46 10.19 16.83
CA GLY A 334 5.51 11.64 16.74
C GLY A 334 6.77 12.25 17.31
N THR A 335 7.66 11.41 17.87
CA THR A 335 8.91 11.91 18.45
C THR A 335 9.89 12.24 17.34
N GLN A 336 10.29 13.50 17.27
CA GLN A 336 11.23 13.94 16.25
C GLN A 336 12.63 13.41 16.58
N VAL A 337 13.36 12.98 15.53
CA VAL A 337 14.71 12.47 15.73
C VAL A 337 15.74 13.58 15.66
N GLN A 338 16.91 13.32 16.24
CA GLN A 338 17.97 14.30 16.29
C GLN A 338 19.33 13.73 15.91
N LEU A 339 20.35 14.57 16.07
CA LEU A 339 21.73 14.20 15.84
C LEU A 339 22.31 13.99 17.22
N TYR A 340 23.19 13.01 17.37
CA TYR A 340 23.80 12.79 18.67
C TYR A 340 25.08 11.98 18.54
N ASP A 341 26.00 12.21 19.47
CA ASP A 341 27.25 11.48 19.48
C ASP A 341 26.92 10.01 19.30
N CYS A 342 27.55 9.39 18.30
CA CYS A 342 27.31 7.98 17.98
C CYS A 342 27.71 7.04 19.09
N HIS A 343 26.85 6.07 19.38
CA HIS A 343 27.13 5.05 20.39
C HIS A 343 26.26 3.83 20.13
N SER A 344 26.69 2.69 20.66
CA SER A 344 25.95 1.45 20.48
C SER A 344 24.70 1.45 21.35
N ALA A 345 23.56 1.64 20.71
CA ALA A 345 22.26 1.66 21.40
C ALA A 345 21.19 1.51 20.33
N THR A 346 20.10 0.82 20.67
CA THR A 346 19.04 0.60 19.70
C THR A 346 18.38 1.85 19.13
N ASN A 347 18.38 2.95 19.88
CA ASN A 347 17.76 4.18 19.40
C ASN A 347 18.69 4.89 18.39
N GLN A 348 19.64 4.13 17.84
CA GLN A 348 20.59 4.63 16.86
C GLN A 348 20.86 3.57 15.80
N GLN A 349 20.13 2.45 15.87
CA GLN A 349 20.30 1.36 14.93
C GLN A 349 19.14 1.33 13.93
N TRP A 350 19.41 1.79 12.70
CA TRP A 350 18.39 1.82 11.68
C TRP A 350 18.60 0.72 10.68
N THR A 351 17.49 0.14 10.24
CA THR A 351 17.50 -0.94 9.29
C THR A 351 16.76 -0.50 8.04
N TYR A 352 17.41 -0.59 6.88
CA TYR A 352 16.78 -0.22 5.63
C TYR A 352 16.13 -1.51 5.11
N THR A 353 14.81 -1.49 4.94
CA THR A 353 14.10 -2.67 4.47
C THR A 353 13.94 -2.63 2.95
N ASP A 354 13.49 -3.74 2.38
CA ASP A 354 13.30 -3.81 0.94
C ASP A 354 12.17 -2.89 0.50
N ALA A 355 11.34 -2.46 1.46
CA ALA A 355 10.22 -1.58 1.15
C ALA A 355 10.62 -0.11 1.14
N GLY A 356 11.87 0.17 1.51
CA GLY A 356 12.35 1.54 1.52
C GLY A 356 12.21 2.21 2.88
N GLU A 357 11.93 1.42 3.90
CA GLU A 357 11.76 1.96 5.23
C GLU A 357 13.08 2.01 5.99
N LEU A 358 13.09 2.85 7.02
CA LEU A 358 14.23 2.98 7.90
C LEU A 358 13.62 2.69 9.27
N ARG A 359 13.66 1.42 9.65
CA ARG A 359 13.11 0.96 10.92
C ARG A 359 14.05 1.04 12.11
N VAL A 360 13.47 1.35 13.26
CA VAL A 360 14.20 1.45 14.53
C VAL A 360 13.30 0.71 15.54
N TYR A 361 13.92 0.02 16.49
CA TYR A 361 13.20 -0.76 17.50
C TYR A 361 12.43 -1.92 16.87
N GLY A 362 12.65 -2.16 15.58
CA GLY A 362 11.96 -3.25 14.93
C GLY A 362 10.63 -2.92 14.26
N ASP A 363 9.76 -2.15 14.91
CA ASP A 363 8.48 -1.82 14.31
C ASP A 363 8.18 -0.31 14.27
N LYS A 364 9.20 0.52 14.36
CA LYS A 364 9.01 1.96 14.27
C LYS A 364 9.68 2.42 12.99
N CYS A 365 9.06 3.39 12.32
CA CYS A 365 9.58 3.87 11.05
C CYS A 365 9.98 5.35 11.00
N LEU A 366 11.01 5.65 10.21
CA LEU A 366 11.43 7.04 10.05
C LEU A 366 10.24 7.67 9.34
N ASP A 367 9.63 8.66 9.97
CA ASP A 367 8.43 9.25 9.43
C ASP A 367 8.43 10.76 9.20
N ALA A 368 7.86 11.17 8.06
CA ALA A 368 7.74 12.57 7.70
C ALA A 368 6.25 12.88 7.65
N ALA A 369 5.81 13.90 8.39
CA ALA A 369 4.39 14.24 8.41
C ALA A 369 4.04 15.42 7.51
N GLY A 370 4.48 15.36 6.27
CA GLY A 370 4.19 16.45 5.35
C GLY A 370 5.10 16.31 4.16
N THR A 371 5.01 17.24 3.21
CA THR A 371 5.84 17.16 2.02
C THR A 371 6.60 18.44 1.74
N GLY A 372 6.53 19.40 2.65
CA GLY A 372 7.22 20.66 2.44
C GLY A 372 8.46 20.84 3.30
N ASN A 373 9.18 21.93 3.05
CA ASN A 373 10.40 22.25 3.80
C ASN A 373 10.08 22.51 5.26
N GLY A 374 10.96 22.06 6.14
CA GLY A 374 10.75 22.27 7.56
C GLY A 374 9.88 21.19 8.17
N THR A 375 9.49 20.21 7.37
CA THR A 375 8.65 19.12 7.88
C THR A 375 9.52 18.36 8.88
N LYS A 376 9.00 18.10 10.07
CA LYS A 376 9.79 17.38 11.07
C LYS A 376 9.85 15.89 10.73
N VAL A 377 11.04 15.30 10.92
CA VAL A 377 11.25 13.89 10.66
C VAL A 377 11.20 13.24 12.04
N GLN A 378 10.33 12.23 12.18
CA GLN A 378 10.15 11.57 13.45
C GLN A 378 9.99 10.08 13.27
N ILE A 379 9.53 9.42 14.33
CA ILE A 379 9.27 7.99 14.28
C ILE A 379 7.77 7.84 14.40
N TYR A 380 7.23 6.82 13.75
CA TYR A 380 5.81 6.54 13.77
C TYR A 380 5.70 5.04 13.48
N SER A 381 4.63 4.42 13.96
CA SER A 381 4.42 2.99 13.74
C SER A 381 4.52 2.72 12.25
N CYS A 382 5.21 1.64 11.89
CA CYS A 382 5.38 1.29 10.49
C CYS A 382 4.07 0.79 9.87
N TRP A 383 3.70 1.35 8.71
CA TRP A 383 2.47 0.92 8.06
C TRP A 383 2.56 0.90 6.53
N GLY A 384 3.69 1.34 5.98
CA GLY A 384 3.84 1.30 4.54
C GLY A 384 3.52 2.56 3.74
N GLY A 385 3.34 3.70 4.40
CA GLY A 385 3.05 4.92 3.66
C GLY A 385 4.29 5.41 2.93
N ASP A 386 4.10 6.09 1.81
CA ASP A 386 5.23 6.61 1.05
C ASP A 386 6.03 7.65 1.84
N ASN A 387 5.44 8.14 2.94
CA ASN A 387 6.12 9.13 3.76
C ASN A 387 6.99 8.42 4.80
N GLN A 388 7.12 7.10 4.64
CA GLN A 388 7.94 6.29 5.51
C GLN A 388 8.90 5.50 4.64
N LYS A 389 8.95 5.85 3.36
CA LYS A 389 9.84 5.18 2.44
C LYS A 389 10.94 6.17 2.06
N TRP A 390 12.15 5.67 1.92
CA TRP A 390 13.27 6.54 1.58
C TRP A 390 14.15 5.93 0.52
N ARG A 391 14.87 6.81 -0.18
CA ARG A 391 15.80 6.40 -1.23
C ARG A 391 17.19 6.76 -0.73
N LEU A 392 18.14 5.83 -0.90
CA LEU A 392 19.51 6.07 -0.46
C LEU A 392 20.38 6.47 -1.65
N ASN A 393 20.49 7.76 -1.92
CA ASN A 393 21.29 8.19 -3.06
C ASN A 393 22.76 7.83 -2.92
N SER A 394 23.43 7.65 -4.05
CA SER A 394 24.84 7.29 -4.03
C SER A 394 25.72 8.46 -3.58
N ASP A 395 25.13 9.63 -3.39
CA ASP A 395 25.89 10.80 -2.96
C ASP A 395 25.89 10.95 -1.44
N GLY A 396 25.16 10.08 -0.75
CA GLY A 396 25.12 10.13 0.69
C GLY A 396 23.84 10.73 1.24
N SER A 397 23.02 11.30 0.35
CA SER A 397 21.78 11.90 0.78
C SER A 397 20.66 10.86 0.83
N ILE A 398 19.68 11.12 1.69
CA ILE A 398 18.54 10.24 1.86
C ILE A 398 17.28 11.02 1.51
N VAL A 399 16.63 10.62 0.42
CA VAL A 399 15.45 11.30 -0.09
C VAL A 399 14.10 10.63 0.19
N GLY A 400 13.18 11.39 0.78
CA GLY A 400 11.86 10.86 1.06
C GLY A 400 11.14 10.58 -0.25
N VAL A 401 10.55 9.40 -0.37
CA VAL A 401 9.86 9.02 -1.60
C VAL A 401 8.69 9.94 -1.93
N GLN A 402 7.79 10.11 -0.97
CA GLN A 402 6.61 10.95 -1.16
C GLN A 402 6.95 12.42 -1.36
N SER A 403 7.83 12.97 -0.53
CA SER A 403 8.17 14.38 -0.64
C SER A 403 9.20 14.73 -1.72
N GLY A 404 10.17 13.84 -1.92
CA GLY A 404 11.20 14.15 -2.89
C GLY A 404 12.14 15.14 -2.23
N LEU A 405 12.17 15.10 -0.90
CA LEU A 405 13.01 16.00 -0.12
C LEU A 405 14.09 15.23 0.64
N CYS A 406 15.16 15.94 0.97
CA CYS A 406 16.29 15.34 1.69
C CYS A 406 16.22 15.47 3.21
N LEU A 407 16.81 14.50 3.90
CA LEU A 407 16.86 14.56 5.35
C LEU A 407 17.84 15.72 5.57
N ASP A 408 17.50 16.62 6.48
CA ASP A 408 18.30 17.79 6.71
C ASP A 408 18.45 18.10 8.20
N ALA A 409 19.69 18.37 8.63
CA ALA A 409 19.93 18.72 10.03
C ALA A 409 19.67 20.21 10.09
N VAL A 410 18.57 20.58 10.73
CA VAL A 410 18.14 21.98 10.84
C VAL A 410 19.26 23.00 10.98
N GLY A 411 19.18 24.06 10.18
CA GLY A 411 20.16 25.13 10.21
C GLY A 411 21.61 24.70 10.06
N GLY A 412 21.83 23.50 9.54
CA GLY A 412 23.18 23.00 9.37
C GLY A 412 23.83 22.72 10.71
N GLY A 413 23.00 22.51 11.73
CA GLY A 413 23.53 22.24 13.06
C GLY A 413 24.35 20.97 13.14
N THR A 414 25.39 21.01 13.96
CA THR A 414 26.26 19.84 14.11
C THR A 414 26.32 19.34 15.56
N ALA A 415 25.75 20.11 16.48
CA ALA A 415 25.75 19.75 17.90
C ALA A 415 24.69 18.72 18.28
N ASN A 416 24.85 18.12 19.46
CA ASN A 416 23.86 17.15 19.95
C ASN A 416 22.57 17.92 20.12
N GLY A 417 21.45 17.29 19.78
CA GLY A 417 20.18 17.97 19.93
C GLY A 417 19.66 18.63 18.67
N THR A 418 20.50 18.66 17.62
CA THR A 418 20.10 19.23 16.34
C THR A 418 19.00 18.35 15.77
N LEU A 419 17.86 18.95 15.44
CA LEU A 419 16.74 18.20 14.92
C LEU A 419 16.83 17.92 13.42
N ILE A 420 16.14 16.86 13.00
CA ILE A 420 16.13 16.47 11.58
C ILE A 420 14.84 16.90 10.92
N GLN A 421 14.96 17.46 9.72
CA GLN A 421 13.81 17.95 8.97
C GLN A 421 13.90 17.54 7.49
N LEU A 422 12.89 17.91 6.71
CA LEU A 422 12.88 17.62 5.29
C LEU A 422 13.25 18.95 4.63
N TYR A 423 14.00 18.89 3.54
CA TYR A 423 14.36 20.11 2.88
C TYR A 423 14.87 19.85 1.49
N SER A 424 14.71 20.83 0.60
CA SER A 424 15.17 20.71 -0.77
C SER A 424 16.60 20.24 -0.74
N CYS A 425 16.86 19.14 -1.45
CA CYS A 425 18.20 18.57 -1.51
C CYS A 425 19.18 19.63 -2.01
N SER A 426 20.35 19.69 -1.38
CA SER A 426 21.34 20.70 -1.75
C SER A 426 22.78 20.22 -1.78
N ASN A 427 23.01 18.93 -1.55
CA ASN A 427 24.37 18.41 -1.54
C ASN A 427 25.14 18.97 -0.35
N GLY A 428 24.43 19.61 0.57
CA GLY A 428 25.07 20.15 1.76
C GLY A 428 25.54 18.99 2.62
N SER A 429 26.55 19.23 3.45
CA SER A 429 27.08 18.17 4.30
C SER A 429 26.13 17.82 5.43
N ASN A 430 25.09 18.62 5.61
CA ASN A 430 24.10 18.36 6.65
C ASN A 430 22.97 17.57 6.01
N GLN A 431 23.24 17.05 4.83
CA GLN A 431 22.27 16.26 4.09
C GLN A 431 22.89 14.98 3.56
N ARG A 432 24.17 14.78 3.86
CA ARG A 432 24.89 13.58 3.44
C ARG A 432 25.09 12.73 4.69
N TRP A 433 24.98 11.42 4.54
CA TRP A 433 25.13 10.51 5.66
C TRP A 433 25.83 9.26 5.21
N THR A 434 26.63 8.69 6.11
CA THR A 434 27.34 7.45 5.82
C THR A 434 26.80 6.45 6.82
N ARG A 435 26.43 5.26 6.35
CA ARG A 435 25.91 4.26 7.26
C ARG A 435 26.80 3.04 7.33
N THR A 436 27.16 2.67 8.56
CA THR A 436 28.03 1.52 8.79
C THR A 436 27.48 0.64 9.91
N ALA B 1 -23.55 -10.24 20.97
CA ALA B 1 -22.73 -11.43 21.34
C ALA B 1 -21.36 -11.04 21.88
N GLU B 2 -20.33 -11.30 21.06
CA GLU B 2 -18.95 -11.03 21.44
C GLU B 2 -18.09 -11.24 20.20
N SER B 3 -18.75 -11.50 19.08
CA SER B 3 -18.07 -11.72 17.82
C SER B 3 -18.09 -10.49 16.91
N THR B 4 -18.87 -9.47 17.28
CA THR B 4 -18.94 -8.25 16.49
C THR B 4 -18.63 -7.06 17.39
N LEU B 5 -18.06 -6.02 16.82
CA LEU B 5 -17.70 -4.82 17.57
C LEU B 5 -18.83 -4.28 18.42
N GLY B 6 -19.98 -4.04 17.80
CA GLY B 6 -21.12 -3.51 18.54
C GLY B 6 -21.47 -4.33 19.76
N ALA B 7 -21.51 -5.65 19.59
CA ALA B 7 -21.86 -6.56 20.67
C ALA B 7 -20.83 -6.59 21.79
N ALA B 8 -19.55 -6.61 21.43
CA ALA B 8 -18.49 -6.63 22.43
C ALA B 8 -18.53 -5.31 23.20
N ALA B 9 -18.73 -4.22 22.48
CA ALA B 9 -18.80 -2.90 23.10
C ALA B 9 -19.94 -2.87 24.12
N ALA B 10 -21.05 -3.53 23.78
CA ALA B 10 -22.21 -3.57 24.65
C ALA B 10 -21.92 -4.28 25.97
N GLN B 11 -20.94 -5.18 25.99
CA GLN B 11 -20.60 -5.89 27.21
C GLN B 11 -20.11 -4.94 28.30
N SER B 12 -19.74 -3.72 27.93
CA SER B 12 -19.28 -2.74 28.91
C SER B 12 -20.27 -1.57 29.00
N GLY B 13 -21.42 -1.73 28.38
CA GLY B 13 -22.43 -0.70 28.40
C GLY B 13 -22.18 0.38 27.35
N ARG B 14 -21.23 0.13 26.46
CA ARG B 14 -20.89 1.09 25.43
C ARG B 14 -21.41 0.69 24.06
N TYR B 15 -21.16 1.54 23.07
CA TYR B 15 -21.59 1.28 21.70
C TYR B 15 -20.38 1.40 20.80
N PHE B 16 -20.54 0.94 19.56
CA PHE B 16 -19.47 1.04 18.58
C PHE B 16 -20.14 1.35 17.25
N GLY B 17 -19.98 2.58 16.80
CA GLY B 17 -20.61 2.98 15.55
C GLY B 17 -19.67 3.30 14.42
N THR B 18 -20.25 3.75 13.30
CA THR B 18 -19.48 4.11 12.14
C THR B 18 -20.22 5.28 11.50
N ALA B 19 -19.65 5.82 10.44
CA ALA B 19 -20.27 6.92 9.72
C ALA B 19 -20.84 6.29 8.46
N ILE B 20 -22.14 6.49 8.22
CA ILE B 20 -22.80 5.92 7.04
C ILE B 20 -22.94 6.94 5.93
N ALA B 21 -22.68 6.50 4.70
CA ALA B 21 -22.83 7.33 3.52
C ALA B 21 -24.00 6.73 2.76
N SER B 22 -25.08 7.48 2.62
CA SER B 22 -26.29 7.00 1.94
C SER B 22 -26.04 6.45 0.53
N GLY B 23 -25.10 7.06 -0.18
CA GLY B 23 -24.81 6.61 -1.52
C GLY B 23 -24.21 5.22 -1.58
N LYS B 24 -23.80 4.70 -0.43
CA LYS B 24 -23.20 3.38 -0.39
C LYS B 24 -24.13 2.31 0.14
N LEU B 25 -25.25 2.71 0.72
CA LEU B 25 -26.22 1.77 1.27
C LEU B 25 -26.74 0.82 0.18
N GLY B 26 -26.50 1.18 -1.07
CA GLY B 26 -26.92 0.33 -2.18
C GLY B 26 -25.92 -0.78 -2.42
N ASP B 27 -24.75 -0.63 -1.82
CA ASP B 27 -23.67 -1.61 -1.94
C ASP B 27 -23.87 -2.67 -0.85
N SER B 28 -24.33 -3.85 -1.25
CA SER B 28 -24.58 -4.96 -0.33
C SER B 28 -23.40 -5.33 0.54
N ALA B 29 -22.21 -5.28 -0.01
CA ALA B 29 -21.02 -5.63 0.75
C ALA B 29 -20.82 -4.62 1.87
N TYR B 30 -21.20 -3.38 1.59
CA TYR B 30 -21.07 -2.29 2.55
C TYR B 30 -22.08 -2.46 3.67
N THR B 31 -23.36 -2.57 3.31
CA THR B 31 -24.41 -2.72 4.30
C THR B 31 -24.26 -3.99 5.14
N THR B 32 -23.73 -5.05 4.54
CA THR B 32 -23.55 -6.31 5.26
C THR B 32 -22.56 -6.08 6.40
N ILE B 33 -21.48 -5.36 6.14
CA ILE B 33 -20.48 -5.08 7.17
C ILE B 33 -21.07 -4.12 8.19
N ALA B 34 -21.53 -2.97 7.71
CA ALA B 34 -22.09 -1.94 8.56
C ALA B 34 -23.20 -2.42 9.48
N SER B 35 -24.16 -3.16 8.92
CA SER B 35 -25.28 -3.65 9.70
C SER B 35 -24.87 -4.65 10.80
N ARG B 36 -23.90 -5.49 10.50
CA ARG B 36 -23.42 -6.51 11.44
C ARG B 36 -22.48 -6.04 12.57
N GLU B 37 -21.59 -5.10 12.28
CA GLU B 37 -20.60 -4.65 13.25
C GLU B 37 -20.91 -3.44 14.16
N PHE B 38 -21.77 -2.53 13.72
CA PHE B 38 -22.06 -1.34 14.52
C PHE B 38 -23.48 -1.24 15.03
N ASN B 39 -23.65 -0.60 16.18
CA ASN B 39 -24.98 -0.40 16.76
C ASN B 39 -25.26 1.07 17.00
N MET B 40 -24.45 1.92 16.36
CA MET B 40 -24.58 3.37 16.46
C MET B 40 -24.21 3.93 15.08
N VAL B 41 -24.93 4.95 14.62
CA VAL B 41 -24.68 5.53 13.32
C VAL B 41 -24.57 7.05 13.27
N THR B 42 -23.74 7.53 12.36
CA THR B 42 -23.55 8.96 12.14
C THR B 42 -23.59 9.16 10.63
N ALA B 43 -24.33 10.16 10.18
CA ALA B 43 -24.42 10.45 8.75
C ALA B 43 -23.15 11.23 8.41
N GLU B 44 -22.37 10.71 7.47
CA GLU B 44 -21.11 11.35 7.11
C GLU B 44 -21.25 12.79 6.59
N ASN B 45 -22.32 13.10 5.86
CA ASN B 45 -22.51 14.46 5.31
C ASN B 45 -23.99 14.86 5.18
N GLU B 46 -24.88 13.87 5.21
CA GLU B 46 -26.31 14.10 5.05
C GLU B 46 -27.03 14.95 6.09
N MET B 47 -26.45 15.12 7.27
CA MET B 47 -27.12 15.92 8.28
C MET B 47 -26.38 17.22 8.59
N LYS B 48 -25.49 17.61 7.69
CA LYS B 48 -24.72 18.84 7.86
C LYS B 48 -25.52 20.05 7.35
N ILE B 49 -24.99 21.24 7.60
CA ILE B 49 -25.67 22.47 7.22
C ILE B 49 -26.12 22.58 5.76
N ASP B 50 -25.17 22.50 4.83
CA ASP B 50 -25.51 22.62 3.42
C ASP B 50 -26.45 21.51 2.94
N ALA B 51 -26.38 20.35 3.58
CA ALA B 51 -27.23 19.22 3.21
C ALA B 51 -28.65 19.31 3.76
N THR B 52 -28.82 19.98 4.90
CA THR B 52 -30.15 20.09 5.51
C THR B 52 -30.87 21.41 5.26
N GLU B 53 -30.16 22.41 4.74
CA GLU B 53 -30.77 23.70 4.45
C GLU B 53 -30.15 24.30 3.19
N PRO B 54 -30.43 23.69 2.01
CA PRO B 54 -29.90 24.15 0.72
C PRO B 54 -30.03 25.64 0.45
N GLN B 55 -31.13 26.25 0.91
CA GLN B 55 -31.36 27.69 0.76
C GLN B 55 -31.89 28.17 2.10
N ARG B 56 -31.69 29.46 2.39
CA ARG B 56 -32.13 30.01 3.66
C ARG B 56 -33.62 29.87 3.91
N GLY B 57 -33.96 29.17 4.98
CA GLY B 57 -35.36 28.96 5.33
C GLY B 57 -35.94 27.69 4.75
N GLN B 58 -35.29 27.18 3.71
CA GLN B 58 -35.74 25.95 3.05
C GLN B 58 -34.94 24.77 3.60
N PHE B 59 -35.61 23.88 4.30
CA PHE B 59 -34.94 22.71 4.86
C PHE B 59 -35.11 21.52 3.94
N ASN B 60 -34.21 20.55 4.06
CA ASN B 60 -34.26 19.37 3.21
C ASN B 60 -33.66 18.19 3.96
N PHE B 61 -34.49 17.21 4.30
CA PHE B 61 -34.02 16.05 5.05
C PHE B 61 -34.03 14.72 4.32
N SER B 62 -34.20 14.74 3.01
CA SER B 62 -34.24 13.49 2.26
C SER B 62 -32.95 12.67 2.40
N ALA B 63 -31.81 13.33 2.34
CA ALA B 63 -30.54 12.63 2.47
C ALA B 63 -30.35 12.11 3.89
N GLY B 64 -30.63 12.98 4.86
CA GLY B 64 -30.48 12.60 6.26
C GLY B 64 -31.40 11.47 6.68
N ASP B 65 -32.67 11.53 6.29
CA ASP B 65 -33.62 10.50 6.66
C ASP B 65 -33.26 9.17 6.00
N ARG B 66 -32.65 9.26 4.84
CA ARG B 66 -32.22 8.08 4.10
C ARG B 66 -31.26 7.28 5.00
N VAL B 67 -30.39 7.99 5.69
CA VAL B 67 -29.42 7.38 6.61
C VAL B 67 -30.11 6.98 7.92
N TYR B 68 -30.86 7.92 8.49
CA TYR B 68 -31.57 7.68 9.74
C TYR B 68 -32.45 6.43 9.65
N ASN B 69 -33.23 6.33 8.57
CA ASN B 69 -34.13 5.20 8.37
C ASN B 69 -33.40 3.88 8.36
N TRP B 70 -32.22 3.86 7.75
CA TRP B 70 -31.43 2.64 7.67
C TRP B 70 -30.95 2.24 9.06
N ALA B 71 -30.52 3.24 9.82
CA ALA B 71 -30.01 3.02 11.18
C ALA B 71 -31.04 2.41 12.11
N VAL B 72 -32.20 3.06 12.26
CA VAL B 72 -33.25 2.56 13.13
C VAL B 72 -33.76 1.22 12.62
N GLN B 73 -33.90 1.10 11.31
CA GLN B 73 -34.37 -0.13 10.70
C GLN B 73 -33.42 -1.29 11.03
N ASN B 74 -32.19 -0.96 11.38
CA ASN B 74 -31.20 -1.97 11.72
C ASN B 74 -30.77 -1.92 13.19
N GLY B 75 -31.67 -1.42 14.03
CA GLY B 75 -31.42 -1.32 15.45
C GLY B 75 -30.25 -0.46 15.91
N LYS B 76 -29.94 0.60 15.16
CA LYS B 76 -28.83 1.47 15.55
C LYS B 76 -29.32 2.82 16.04
N GLN B 77 -28.57 3.41 16.96
CA GLN B 77 -28.89 4.73 17.47
C GLN B 77 -28.19 5.68 16.51
N VAL B 78 -28.56 6.95 16.54
CA VAL B 78 -27.95 7.92 15.64
C VAL B 78 -27.33 9.11 16.34
N ARG B 79 -26.22 9.59 15.80
CA ARG B 79 -25.56 10.77 16.33
C ARG B 79 -25.81 11.84 15.27
N GLY B 80 -26.21 13.03 15.71
CA GLY B 80 -26.47 14.09 14.76
C GLY B 80 -25.19 14.88 14.52
N HIS B 81 -24.84 15.03 13.25
CA HIS B 81 -23.62 15.75 12.88
C HIS B 81 -23.88 16.54 11.60
N ALA B 82 -23.74 17.87 11.62
CA ALA B 82 -23.38 18.68 12.80
C ALA B 82 -24.22 19.95 12.66
N LEU B 83 -24.55 20.60 13.77
CA LEU B 83 -25.44 21.77 13.73
C LEU B 83 -24.89 23.16 13.46
N ALA B 84 -23.76 23.53 14.07
CA ALA B 84 -23.23 24.87 13.84
C ALA B 84 -21.71 24.88 13.77
N TRP B 85 -21.18 25.13 12.57
CA TRP B 85 -19.75 25.17 12.36
C TRP B 85 -19.39 25.91 11.09
N HIS B 86 -18.09 26.14 10.89
CA HIS B 86 -17.62 26.90 9.74
C HIS B 86 -17.47 26.13 8.42
N SER B 87 -17.30 24.82 8.50
CA SER B 87 -17.11 24.02 7.29
C SER B 87 -18.37 23.49 6.63
N GLN B 88 -18.29 23.34 5.31
CA GLN B 88 -19.39 22.83 4.52
C GLN B 88 -20.69 23.62 4.71
N GLN B 89 -20.54 24.95 4.78
CA GLN B 89 -21.71 25.81 4.92
C GLN B 89 -22.24 26.07 3.51
N PRO B 90 -23.56 26.12 3.34
CA PRO B 90 -24.07 26.37 1.99
C PRO B 90 -23.63 27.78 1.60
N GLY B 91 -23.56 28.05 0.30
CA GLY B 91 -23.12 29.35 -0.18
C GLY B 91 -23.74 30.53 0.55
N TRP B 92 -25.07 30.52 0.66
CA TRP B 92 -25.79 31.62 1.31
C TRP B 92 -25.38 31.90 2.74
N MET B 93 -25.05 30.86 3.50
CA MET B 93 -24.66 31.07 4.89
C MET B 93 -23.25 31.64 4.96
N GLN B 94 -22.42 31.26 3.99
CA GLN B 94 -21.04 31.73 3.95
C GLN B 94 -20.97 33.24 3.71
N SER B 95 -22.01 33.80 3.10
CA SER B 95 -22.08 35.22 2.79
C SER B 95 -22.62 36.04 3.95
N LEU B 96 -23.01 35.37 5.03
CA LEU B 96 -23.57 36.05 6.19
C LEU B 96 -22.53 36.43 7.25
N SER B 97 -22.87 37.43 8.06
CA SER B 97 -22.00 37.88 9.12
C SER B 97 -22.85 38.73 10.07
N GLY B 98 -22.32 39.02 11.25
CA GLY B 98 -23.07 39.82 12.19
C GLY B 98 -24.30 39.10 12.72
N SER B 99 -25.26 39.86 13.23
CA SER B 99 -26.48 39.29 13.79
C SER B 99 -27.28 38.54 12.74
N THR B 100 -27.07 38.87 11.48
CA THR B 100 -27.78 38.18 10.41
C THR B 100 -27.35 36.72 10.38
N LEU B 101 -26.06 36.49 10.55
CA LEU B 101 -25.52 35.13 10.55
C LEU B 101 -25.96 34.47 11.85
N ARG B 102 -25.86 35.21 12.96
CA ARG B 102 -26.23 34.69 14.27
C ARG B 102 -27.64 34.10 14.27
N GLN B 103 -28.60 34.84 13.73
CA GLN B 103 -29.98 34.36 13.70
C GLN B 103 -30.13 33.19 12.72
N ALA B 104 -29.38 33.24 11.63
CA ALA B 104 -29.43 32.17 10.64
C ALA B 104 -28.93 30.89 11.32
N MET B 105 -27.94 31.05 12.19
CA MET B 105 -27.37 29.93 12.92
C MET B 105 -28.45 29.34 13.81
N ILE B 106 -29.11 30.19 14.57
CA ILE B 106 -30.16 29.74 15.47
C ILE B 106 -31.31 29.10 14.70
N ASP B 107 -31.71 29.70 13.59
CA ASP B 107 -32.80 29.14 12.79
C ASP B 107 -32.43 27.75 12.24
N HIS B 108 -31.16 27.57 11.91
CA HIS B 108 -30.74 26.28 11.39
C HIS B 108 -30.86 25.20 12.44
N ILE B 109 -30.40 25.50 13.64
CA ILE B 109 -30.48 24.55 14.73
C ILE B 109 -31.93 24.13 14.97
N ASN B 110 -32.82 25.11 15.11
CA ASN B 110 -34.23 24.83 15.34
C ASN B 110 -34.87 23.97 14.25
N GLY B 111 -34.56 24.27 13.00
CA GLY B 111 -35.13 23.51 11.90
C GLY B 111 -34.75 22.05 11.85
N VAL B 112 -33.45 21.76 11.95
CA VAL B 112 -32.95 20.40 11.90
C VAL B 112 -33.35 19.57 13.11
N MET B 113 -33.14 20.12 14.31
CA MET B 113 -33.46 19.39 15.53
C MET B 113 -34.95 19.16 15.69
N GLY B 114 -35.75 20.14 15.28
CA GLY B 114 -37.19 20.00 15.36
C GLY B 114 -37.63 18.81 14.53
N HIS B 115 -37.10 18.72 13.32
CA HIS B 115 -37.40 17.61 12.42
C HIS B 115 -37.00 16.26 13.03
N TYR B 116 -35.87 16.22 13.73
CA TYR B 116 -35.41 14.98 14.35
C TYR B 116 -35.68 14.92 15.85
N LYS B 117 -36.46 15.86 16.36
CA LYS B 117 -36.77 15.92 17.79
C LYS B 117 -37.13 14.57 18.40
N GLY B 118 -36.37 14.16 19.41
CA GLY B 118 -36.62 12.89 20.08
C GLY B 118 -36.16 11.63 19.35
N LYS B 119 -35.41 11.78 18.27
CA LYS B 119 -34.95 10.62 17.53
C LYS B 119 -33.43 10.45 17.56
N ILE B 120 -32.73 11.55 17.83
CA ILE B 120 -31.27 11.54 17.89
C ILE B 120 -30.71 11.46 19.32
N ALA B 121 -29.86 10.47 19.56
CA ALA B 121 -29.26 10.27 20.88
C ALA B 121 -28.25 11.38 21.24
N GLN B 122 -27.38 11.71 20.31
CA GLN B 122 -26.40 12.76 20.54
C GLN B 122 -26.38 13.73 19.37
N TRP B 123 -26.16 15.00 19.66
CA TRP B 123 -26.09 16.01 18.60
C TRP B 123 -24.78 16.76 18.74
N ASP B 124 -24.02 16.84 17.65
CA ASP B 124 -22.80 17.63 17.67
C ASP B 124 -23.37 19.01 17.39
N VAL B 125 -23.70 19.74 18.45
CA VAL B 125 -24.29 21.06 18.29
C VAL B 125 -23.29 22.04 17.67
N VAL B 126 -22.06 22.03 18.17
CA VAL B 126 -21.01 22.89 17.63
C VAL B 126 -19.78 22.03 17.38
N SER B 127 -19.04 22.35 16.32
CA SER B 127 -17.85 21.59 15.95
C SER B 127 -16.78 22.53 15.39
N HIS B 128 -15.52 22.11 15.44
CA HIS B 128 -14.38 22.88 14.91
C HIS B 128 -14.33 24.34 15.36
N ALA B 129 -14.69 24.61 16.60
CA ALA B 129 -14.70 25.98 17.08
C ALA B 129 -13.33 26.56 17.48
N PHE B 130 -12.35 25.70 17.77
CA PHE B 130 -11.04 26.19 18.17
C PHE B 130 -10.00 26.12 17.08
N SER B 131 -8.97 26.95 17.23
CA SER B 131 -7.87 27.05 16.27
C SER B 131 -6.79 25.99 16.43
N ASP B 132 -6.02 25.79 15.36
CA ASP B 132 -4.93 24.84 15.37
C ASP B 132 -3.60 25.59 15.35
N ASP B 133 -3.64 26.92 15.36
CA ASP B 133 -2.41 27.68 15.30
C ASP B 133 -1.51 27.43 16.53
N GLY B 134 -2.04 26.67 17.48
CA GLY B 134 -1.26 26.35 18.67
C GLY B 134 -1.50 27.31 19.82
N SER B 135 -2.41 28.27 19.64
CA SER B 135 -2.70 29.25 20.67
C SER B 135 -3.81 28.76 21.62
N GLY B 136 -4.58 27.77 21.17
CA GLY B 136 -5.65 27.25 21.98
C GLY B 136 -6.84 28.19 22.05
N GLY B 137 -6.88 29.16 21.14
CA GLY B 137 -7.99 30.10 21.12
C GLY B 137 -9.10 29.72 20.16
N ARG B 138 -10.07 30.61 19.97
CA ARG B 138 -11.19 30.35 19.07
C ARG B 138 -10.78 30.41 17.60
N ARG B 139 -11.48 29.65 16.77
CA ARG B 139 -11.21 29.65 15.35
C ARG B 139 -11.79 30.93 14.77
N ASP B 140 -11.03 31.57 13.88
CA ASP B 140 -11.49 32.81 13.26
C ASP B 140 -12.41 32.50 12.08
N SER B 141 -13.71 32.53 12.34
CA SER B 141 -14.71 32.25 11.30
C SER B 141 -15.83 33.27 11.38
N ASN B 142 -16.69 33.28 10.36
CA ASN B 142 -17.81 34.20 10.35
C ASN B 142 -18.67 34.02 11.58
N LEU B 143 -18.72 32.80 12.11
CA LEU B 143 -19.52 32.50 13.31
C LEU B 143 -18.91 33.12 14.59
N GLN B 144 -17.61 32.93 14.78
CA GLN B 144 -16.91 33.48 15.93
C GLN B 144 -16.92 35.02 15.88
N ARG B 145 -16.95 35.57 14.67
CA ARG B 145 -16.96 37.02 14.50
C ARG B 145 -18.29 37.66 14.86
N THR B 146 -19.31 36.84 15.08
CA THR B 146 -20.61 37.38 15.46
C THR B 146 -20.59 37.63 16.97
N GLY B 147 -19.57 37.11 17.61
CA GLY B 147 -19.45 37.27 19.06
C GLY B 147 -19.00 35.97 19.71
N ASN B 148 -18.11 36.09 20.68
CA ASN B 148 -17.58 34.93 21.40
C ASN B 148 -18.70 34.06 21.97
N ASP B 149 -19.85 34.69 22.23
CA ASP B 149 -21.00 33.99 22.79
C ASP B 149 -21.80 33.10 21.84
N TRP B 150 -21.40 33.02 20.57
CA TRP B 150 -22.16 32.19 19.61
C TRP B 150 -22.29 30.72 19.99
N ILE B 151 -21.22 30.11 20.49
CA ILE B 151 -21.27 28.70 20.86
C ILE B 151 -22.28 28.45 22.00
N GLU B 152 -22.26 29.32 23.01
CA GLU B 152 -23.15 29.21 24.15
C GLU B 152 -24.60 29.32 23.68
N VAL B 153 -24.83 30.21 22.71
CA VAL B 153 -26.17 30.41 22.17
C VAL B 153 -26.69 29.17 21.45
N ALA B 154 -25.83 28.57 20.63
CA ALA B 154 -26.21 27.36 19.90
C ALA B 154 -26.64 26.26 20.87
N PHE B 155 -25.94 26.14 22.00
CA PHE B 155 -26.27 25.10 22.97
C PHE B 155 -27.56 25.37 23.71
N ARG B 156 -27.79 26.62 24.11
CA ARG B 156 -29.01 26.94 24.80
C ARG B 156 -30.13 26.70 23.80
N THR B 157 -29.88 27.07 22.55
CA THR B 157 -30.85 26.89 21.50
C THR B 157 -31.15 25.41 21.24
N ALA B 158 -30.13 24.57 21.28
CA ALA B 158 -30.32 23.15 21.04
C ALA B 158 -31.06 22.47 22.20
N ARG B 159 -30.81 22.91 23.43
CA ARG B 159 -31.50 22.32 24.58
C ARG B 159 -33.00 22.58 24.50
N ALA B 160 -33.36 23.77 24.02
CA ALA B 160 -34.77 24.13 23.90
C ALA B 160 -35.43 23.39 22.73
N ALA B 161 -34.67 23.16 21.67
CA ALA B 161 -35.19 22.48 20.49
C ALA B 161 -35.49 20.99 20.70
N ASP B 162 -34.69 20.33 21.54
CA ASP B 162 -34.90 18.90 21.82
C ASP B 162 -34.21 18.53 23.12
N PRO B 163 -34.92 18.69 24.25
CA PRO B 163 -34.41 18.39 25.58
C PRO B 163 -33.97 16.94 25.77
N ALA B 164 -34.49 16.04 24.95
CA ALA B 164 -34.14 14.62 25.07
C ALA B 164 -32.75 14.26 24.57
N ALA B 165 -32.18 15.09 23.70
CA ALA B 165 -30.85 14.81 23.16
C ALA B 165 -29.69 15.26 24.03
N LYS B 166 -28.56 14.57 23.89
CA LYS B 166 -27.36 14.93 24.60
C LYS B 166 -26.68 15.91 23.66
N LEU B 167 -26.31 17.07 24.19
CA LEU B 167 -25.66 18.10 23.38
C LEU B 167 -24.15 18.03 23.51
N CYS B 168 -23.45 17.69 22.42
CA CYS B 168 -22.00 17.57 22.44
C CYS B 168 -21.26 18.69 21.71
N TYR B 169 -20.04 18.94 22.17
CA TYR B 169 -19.16 19.89 21.52
C TYR B 169 -18.18 18.94 20.81
N ASN B 170 -18.01 19.11 19.51
CA ASN B 170 -17.15 18.23 18.73
C ASN B 170 -15.94 18.92 18.12
N ASP B 171 -14.76 18.30 18.25
CA ASP B 171 -13.54 18.87 17.68
C ASP B 171 -12.42 17.84 17.49
N TYR B 172 -11.40 18.22 16.71
CA TYR B 172 -10.27 17.33 16.45
C TYR B 172 -8.98 17.95 16.99
N ASN B 173 -7.95 17.14 17.10
CA ASN B 173 -6.67 17.59 17.62
C ASN B 173 -6.81 18.09 19.05
N ILE B 174 -7.69 17.45 19.81
CA ILE B 174 -7.90 17.82 21.20
C ILE B 174 -7.78 16.57 22.05
N GLU B 175 -7.06 15.59 21.52
CA GLU B 175 -6.88 14.34 22.23
C GLU B 175 -5.62 14.34 23.08
N ASN B 176 -4.61 15.09 22.65
CA ASN B 176 -3.34 15.19 23.38
C ASN B 176 -3.47 16.29 24.43
N TRP B 177 -3.38 15.93 25.70
CA TRP B 177 -3.54 16.93 26.74
C TRP B 177 -2.58 18.10 26.64
N THR B 178 -1.37 17.87 26.11
CA THR B 178 -0.37 18.93 26.00
C THR B 178 -0.63 19.96 24.92
N TRP B 179 -1.56 19.68 24.01
CA TRP B 179 -1.89 20.62 22.94
C TRP B 179 -2.79 21.73 23.47
N ALA B 180 -2.46 22.97 23.11
CA ALA B 180 -3.21 24.14 23.55
C ALA B 180 -4.68 24.05 23.20
N LYS B 181 -4.98 23.56 22.01
CA LYS B 181 -6.36 23.44 21.56
C LYS B 181 -7.17 22.61 22.55
N THR B 182 -6.58 21.52 23.04
CA THR B 182 -7.25 20.66 24.00
C THR B 182 -7.65 21.45 25.25
N GLN B 183 -6.70 22.19 25.78
CA GLN B 183 -6.90 22.99 26.99
C GLN B 183 -7.90 24.11 26.80
N GLY B 184 -7.91 24.69 25.60
CA GLY B 184 -8.83 25.77 25.30
C GLY B 184 -10.26 25.26 25.31
N VAL B 185 -10.44 24.03 24.83
CA VAL B 185 -11.76 23.43 24.80
C VAL B 185 -12.18 23.05 26.20
N TYR B 186 -11.22 22.62 27.01
CA TYR B 186 -11.49 22.23 28.40
C TYR B 186 -11.96 23.44 29.19
N ASN B 187 -11.29 24.58 29.02
CA ASN B 187 -11.68 25.78 29.73
C ASN B 187 -13.07 26.27 29.32
N MET B 188 -13.46 26.05 28.07
CA MET B 188 -14.78 26.48 27.64
C MET B 188 -15.85 25.59 28.25
N VAL B 189 -15.66 24.28 28.17
CA VAL B 189 -16.63 23.36 28.73
C VAL B 189 -16.74 23.65 30.22
N ARG B 190 -15.58 23.81 30.87
CA ARG B 190 -15.57 24.12 32.29
C ARG B 190 -16.40 25.38 32.54
N ASP B 191 -16.10 26.44 31.79
CA ASP B 191 -16.83 27.69 31.95
C ASP B 191 -18.34 27.49 31.78
N PHE B 192 -18.70 26.63 30.83
CA PHE B 192 -20.12 26.36 30.58
C PHE B 192 -20.84 25.73 31.75
N LYS B 193 -20.24 24.72 32.38
CA LYS B 193 -20.88 24.05 33.51
C LYS B 193 -21.01 24.97 34.72
N GLN B 194 -20.02 25.81 34.95
CA GLN B 194 -20.05 26.74 36.07
C GLN B 194 -21.16 27.77 35.91
N ARG B 195 -21.42 28.21 34.67
CA ARG B 195 -22.46 29.21 34.44
C ARG B 195 -23.80 28.58 34.07
N GLY B 196 -23.82 27.26 34.00
CA GLY B 196 -25.04 26.58 33.67
C GLY B 196 -25.43 26.64 32.20
N VAL B 197 -24.46 26.51 31.31
CA VAL B 197 -24.74 26.50 29.88
C VAL B 197 -24.97 25.02 29.52
N PRO B 198 -26.09 24.71 28.85
CA PRO B 198 -26.40 23.32 28.48
C PRO B 198 -25.29 22.65 27.67
N ILE B 199 -24.74 21.56 28.19
CA ILE B 199 -23.69 20.85 27.48
C ILE B 199 -23.57 19.49 28.16
N ASP B 200 -23.75 18.42 27.41
CA ASP B 200 -23.72 17.07 27.97
C ASP B 200 -22.53 16.22 27.58
N CYS B 201 -21.82 16.62 26.54
CA CYS B 201 -20.68 15.81 26.11
C CYS B 201 -19.69 16.54 25.24
N VAL B 202 -18.50 15.97 25.19
CA VAL B 202 -17.42 16.48 24.37
C VAL B 202 -17.06 15.32 23.47
N GLY B 203 -17.01 15.58 22.18
CA GLY B 203 -16.67 14.53 21.24
C GLY B 203 -15.29 14.76 20.69
N PHE B 204 -14.42 13.76 20.87
CA PHE B 204 -13.05 13.81 20.38
C PHE B 204 -13.05 13.02 19.07
N GLN B 205 -13.01 13.74 17.96
CA GLN B 205 -13.03 13.13 16.63
C GLN B 205 -12.02 12.01 16.52
N SER B 206 -10.83 12.21 17.07
CA SER B 206 -9.79 11.17 17.05
C SER B 206 -9.24 10.80 15.67
N HIS B 207 -8.95 11.79 14.85
CA HIS B 207 -8.37 11.55 13.53
C HIS B 207 -6.85 11.53 13.74
N PHE B 208 -6.29 10.34 13.95
CA PHE B 208 -4.86 10.19 14.21
C PHE B 208 -4.03 9.89 12.96
N ASN B 209 -2.87 10.52 12.88
CA ASN B 209 -1.93 10.33 11.78
C ASN B 209 -0.59 10.85 12.27
N SER B 210 0.46 10.75 11.45
CA SER B 210 1.79 11.20 11.89
C SER B 210 1.84 12.71 12.08
N GLY B 211 0.79 13.42 11.68
CA GLY B 211 0.76 14.85 11.86
C GLY B 211 0.33 15.14 13.27
N SER B 212 -0.71 14.44 13.71
CA SER B 212 -1.22 14.59 15.06
C SER B 212 -1.47 13.17 15.53
N PRO B 213 -0.41 12.50 15.98
CA PRO B 213 -0.44 11.12 16.48
C PRO B 213 -1.11 10.88 17.80
N TYR B 214 -1.56 9.66 18.00
CA TYR B 214 -2.19 9.26 19.25
C TYR B 214 -1.11 9.28 20.32
N ASN B 215 -1.47 9.78 21.49
CA ASN B 215 -0.55 9.82 22.61
C ASN B 215 -1.33 9.19 23.75
N SER B 216 -0.66 8.38 24.55
CA SER B 216 -1.31 7.68 25.65
C SER B 216 -1.94 8.60 26.69
N ASN B 217 -1.52 9.87 26.73
CA ASN B 217 -2.10 10.80 27.69
C ASN B 217 -3.55 11.16 27.30
N PHE B 218 -4.06 10.50 26.26
CA PHE B 218 -5.41 10.71 25.79
C PHE B 218 -6.39 10.29 26.88
N ARG B 219 -5.97 9.29 27.65
CA ARG B 219 -6.80 8.79 28.74
C ARG B 219 -6.99 9.87 29.80
N THR B 220 -5.93 10.62 30.10
CA THR B 220 -6.06 11.68 31.10
C THR B 220 -7.02 12.74 30.56
N THR B 221 -6.95 13.01 29.27
CA THR B 221 -7.84 13.98 28.66
C THR B 221 -9.30 13.57 28.87
N LEU B 222 -9.59 12.31 28.57
CA LEU B 222 -10.94 11.79 28.74
C LEU B 222 -11.34 11.88 30.21
N GLN B 223 -10.42 11.49 31.10
CA GLN B 223 -10.70 11.55 32.54
C GLN B 223 -10.98 13.00 32.90
N ASN B 224 -10.08 13.89 32.49
CA ASN B 224 -10.20 15.30 32.77
C ASN B 224 -11.54 15.88 32.37
N PHE B 225 -11.94 15.69 31.11
CA PHE B 225 -13.21 16.25 30.68
C PHE B 225 -14.39 15.59 31.40
N ALA B 226 -14.27 14.28 31.67
CA ALA B 226 -15.32 13.55 32.37
C ALA B 226 -15.52 14.13 33.76
N ALA B 227 -14.44 14.59 34.37
CA ALA B 227 -14.50 15.17 35.71
C ALA B 227 -15.24 16.50 35.75
N LEU B 228 -15.55 17.06 34.58
CA LEU B 228 -16.28 18.32 34.54
C LEU B 228 -17.78 18.06 34.67
N GLY B 229 -18.17 16.79 34.59
CA GLY B 229 -19.57 16.45 34.72
C GLY B 229 -20.26 16.23 33.38
N VAL B 230 -19.48 15.79 32.39
CA VAL B 230 -20.03 15.51 31.07
C VAL B 230 -19.57 14.12 30.60
N ASP B 231 -20.26 13.58 29.61
CA ASP B 231 -19.90 12.29 29.05
C ASP B 231 -18.93 12.56 27.91
N VAL B 232 -18.04 11.62 27.64
CA VAL B 232 -17.08 11.79 26.56
C VAL B 232 -17.29 10.68 25.52
N ALA B 233 -17.01 11.00 24.27
CA ALA B 233 -17.16 10.04 23.19
C ALA B 233 -16.13 10.25 22.10
N ILE B 234 -15.63 9.15 21.57
CA ILE B 234 -14.66 9.16 20.48
C ILE B 234 -15.60 9.13 19.28
N THR B 235 -15.70 10.26 18.59
CA THR B 235 -16.64 10.43 17.50
C THR B 235 -16.32 10.12 16.04
N GLU B 236 -15.08 10.35 15.60
CA GLU B 236 -14.72 10.12 14.20
C GLU B 236 -13.39 9.42 14.07
N LEU B 237 -13.25 8.33 14.81
CA LEU B 237 -12.01 7.57 14.85
C LEU B 237 -11.48 6.91 13.57
N ASP B 238 -10.22 7.21 13.28
CA ASP B 238 -9.48 6.62 12.18
C ASP B 238 -8.01 6.91 12.42
N ILE B 239 -7.18 5.90 12.17
CA ILE B 239 -5.75 5.99 12.40
C ILE B 239 -4.94 5.69 11.15
N GLN B 240 -4.18 6.67 10.69
CA GLN B 240 -3.34 6.48 9.51
C GLN B 240 -2.48 5.26 9.80
N GLY B 241 -2.54 4.26 8.92
CA GLY B 241 -1.76 3.06 9.12
C GLY B 241 -2.57 1.95 9.77
N ALA B 242 -3.55 2.34 10.57
CA ALA B 242 -4.43 1.39 11.25
C ALA B 242 -3.65 0.43 12.16
N SER B 243 -2.64 0.96 12.84
CA SER B 243 -1.83 0.17 13.75
C SER B 243 -2.71 -0.61 14.72
N SER B 244 -2.42 -1.89 14.92
CA SER B 244 -3.22 -2.70 15.83
C SER B 244 -3.13 -2.13 17.24
N SER B 245 -1.90 -1.89 17.67
CA SER B 245 -1.63 -1.36 19.00
C SER B 245 -2.28 -0.01 19.26
N THR B 246 -2.25 0.87 18.28
CA THR B 246 -2.82 2.19 18.46
C THR B 246 -4.33 2.09 18.56
N TYR B 247 -4.91 1.26 17.70
CA TYR B 247 -6.35 1.04 17.69
C TYR B 247 -6.78 0.36 18.97
N ALA B 248 -5.94 -0.52 19.50
CA ALA B 248 -6.24 -1.23 20.74
C ALA B 248 -6.11 -0.31 21.93
N ALA B 249 -5.13 0.59 21.89
CA ALA B 249 -4.89 1.52 22.98
C ALA B 249 -6.01 2.54 23.14
N VAL B 250 -6.61 2.96 22.04
CA VAL B 250 -7.71 3.92 22.10
C VAL B 250 -8.94 3.23 22.68
N THR B 251 -9.14 1.98 22.32
CA THR B 251 -10.28 1.22 22.82
C THR B 251 -10.18 1.09 24.34
N ASN B 252 -8.98 0.85 24.84
CA ASN B 252 -8.77 0.70 26.27
C ASN B 252 -8.91 2.03 27.02
N ASP B 253 -8.53 3.14 26.40
CA ASP B 253 -8.65 4.45 27.06
C ASP B 253 -10.12 4.73 27.39
N CYS B 254 -11.00 4.43 26.43
CA CYS B 254 -12.43 4.66 26.59
C CYS B 254 -13.02 3.70 27.62
N LEU B 255 -12.56 2.45 27.61
CA LEU B 255 -13.02 1.44 28.56
C LEU B 255 -12.54 1.75 29.97
N ALA B 256 -11.58 2.66 30.08
CA ALA B 256 -11.04 3.04 31.39
C ALA B 256 -11.78 4.25 31.98
N VAL B 257 -12.60 4.89 31.17
CA VAL B 257 -13.35 6.06 31.62
C VAL B 257 -14.84 5.69 31.58
N SER B 258 -15.48 5.60 32.75
CA SER B 258 -16.88 5.21 32.81
C SER B 258 -17.82 6.13 32.05
N ARG B 259 -17.41 7.38 31.88
CA ARG B 259 -18.20 8.37 31.16
C ARG B 259 -17.98 8.37 29.64
N CYS B 260 -17.16 7.45 29.15
CA CYS B 260 -16.93 7.36 27.70
C CYS B 260 -18.03 6.48 27.13
N LEU B 261 -18.98 7.11 26.44
CA LEU B 261 -20.12 6.41 25.86
C LEU B 261 -19.80 5.33 24.84
N GLY B 262 -18.81 5.58 23.99
CA GLY B 262 -18.46 4.61 22.98
C GLY B 262 -17.51 5.15 21.93
N ILE B 263 -17.33 4.38 20.87
CA ILE B 263 -16.42 4.76 19.79
C ILE B 263 -17.11 4.67 18.42
N THR B 264 -16.86 5.67 17.57
CA THR B 264 -17.38 5.67 16.22
C THR B 264 -16.16 5.78 15.32
N VAL B 265 -16.05 4.93 14.31
CA VAL B 265 -14.94 5.01 13.38
C VAL B 265 -15.53 5.68 12.13
N TRP B 266 -14.78 6.61 11.55
CA TRP B 266 -15.26 7.35 10.41
C TRP B 266 -15.27 6.56 9.09
N GLY B 267 -16.14 5.55 9.03
CA GLY B 267 -16.24 4.74 7.84
C GLY B 267 -16.18 3.24 8.08
N VAL B 268 -16.48 2.47 7.04
CA VAL B 268 -16.46 1.02 7.14
C VAL B 268 -15.22 0.41 6.49
N ARG B 269 -15.05 0.64 5.20
CA ARG B 269 -13.91 0.10 4.46
C ARG B 269 -12.95 1.23 4.11
N ASP B 270 -11.66 0.90 4.00
CA ASP B 270 -10.67 1.92 3.65
C ASP B 270 -11.07 2.65 2.37
N THR B 271 -11.71 1.94 1.44
CA THR B 271 -12.12 2.55 0.19
C THR B 271 -13.25 3.56 0.35
N ASP B 272 -13.91 3.54 1.51
CA ASP B 272 -15.01 4.47 1.79
C ASP B 272 -14.51 5.66 2.57
N SER B 273 -13.28 5.57 3.06
CA SER B 273 -12.70 6.64 3.87
C SER B 273 -12.47 7.94 3.12
N TRP B 274 -12.59 9.05 3.84
CA TRP B 274 -12.35 10.37 3.27
C TRP B 274 -10.86 10.52 3.09
N ARG B 275 -10.11 9.57 3.66
CA ARG B 275 -8.65 9.54 3.57
C ARG B 275 -8.20 8.10 3.35
N SER B 276 -8.74 7.48 2.30
CA SER B 276 -8.42 6.10 1.97
C SER B 276 -6.93 5.90 1.82
N GLY B 277 -6.24 6.97 1.42
CA GLY B 277 -4.79 6.90 1.26
C GLY B 277 -4.09 6.54 2.55
N ASP B 278 -4.70 6.91 3.67
CA ASP B 278 -4.11 6.59 4.96
C ASP B 278 -4.60 5.22 5.47
N THR B 279 -5.43 4.53 4.67
CA THR B 279 -6.00 3.22 5.03
C THR B 279 -6.15 3.14 6.53
N PRO B 280 -6.91 4.07 7.12
CA PRO B 280 -7.14 4.15 8.57
C PRO B 280 -8.33 3.45 9.20
N LEU B 281 -9.05 2.62 8.45
CA LEU B 281 -10.22 1.97 9.03
C LEU B 281 -9.99 0.52 9.43
N LEU B 282 -11.06 -0.17 9.84
CA LEU B 282 -10.93 -1.56 10.28
C LEU B 282 -11.20 -2.64 9.23
N PHE B 283 -11.76 -2.23 8.09
CA PHE B 283 -12.03 -3.18 7.01
C PHE B 283 -11.35 -2.63 5.77
N ASN B 284 -10.97 -3.49 4.84
CA ASN B 284 -10.36 -2.96 3.63
C ASN B 284 -11.26 -3.16 2.41
N GLY B 285 -10.83 -2.57 1.29
CA GLY B 285 -11.59 -2.65 0.06
C GLY B 285 -12.53 -3.82 -0.17
N ASP B 286 -12.02 -5.04 -0.03
CA ASP B 286 -12.83 -6.23 -0.27
C ASP B 286 -13.72 -6.65 0.90
N GLY B 287 -13.77 -5.83 1.93
CA GLY B 287 -14.61 -6.14 3.07
C GLY B 287 -14.03 -7.07 4.10
N SER B 288 -12.79 -7.49 3.90
CA SER B 288 -12.14 -8.39 4.86
C SER B 288 -11.66 -7.62 6.09
N LYS B 289 -11.71 -8.28 7.23
CA LYS B 289 -11.28 -7.67 8.49
C LYS B 289 -9.77 -7.49 8.49
N LYS B 290 -9.31 -6.34 8.98
CA LYS B 290 -7.88 -6.05 9.03
C LYS B 290 -7.35 -6.42 10.40
N ALA B 291 -6.03 -6.58 10.49
CA ALA B 291 -5.39 -6.92 11.76
C ALA B 291 -5.91 -6.06 12.90
N ALA B 292 -6.11 -4.78 12.63
CA ALA B 292 -6.61 -3.84 13.63
C ALA B 292 -8.02 -4.18 14.12
N TYR B 293 -8.83 -4.79 13.27
CA TYR B 293 -10.19 -5.14 13.68
C TYR B 293 -10.15 -6.17 14.81
N THR B 294 -9.35 -7.20 14.64
CA THR B 294 -9.21 -8.23 15.64
C THR B 294 -8.71 -7.62 16.93
N ALA B 295 -7.72 -6.74 16.81
CA ALA B 295 -7.14 -6.08 17.98
C ALA B 295 -8.17 -5.24 18.71
N VAL B 296 -9.08 -4.62 17.96
CA VAL B 296 -10.10 -3.80 18.59
C VAL B 296 -11.11 -4.70 19.29
N LEU B 297 -11.56 -5.72 18.57
CA LEU B 297 -12.53 -6.67 19.13
C LEU B 297 -11.95 -7.33 20.38
N ASN B 298 -10.69 -7.73 20.33
CA ASN B 298 -10.04 -8.37 21.46
C ASN B 298 -10.02 -7.43 22.67
N ALA B 299 -9.72 -6.16 22.42
CA ALA B 299 -9.67 -5.17 23.48
C ALA B 299 -11.06 -4.98 24.11
N LEU B 300 -12.08 -4.88 23.26
CA LEU B 300 -13.44 -4.70 23.75
C LEU B 300 -13.88 -5.88 24.62
N ASN B 301 -13.37 -7.07 24.32
CA ASN B 301 -13.72 -8.25 25.11
C ASN B 301 -12.89 -8.41 26.38
N GLY B 302 -11.84 -7.61 26.53
CA GLY B 302 -11.01 -7.70 27.73
C GLY B 302 -9.52 -7.87 27.50
N GLY B 303 -9.16 -8.63 26.47
CA GLY B 303 -7.75 -8.84 26.18
C GLY B 303 -7.09 -9.81 27.15
N GLY B 311 8.00 -8.55 21.55
CA GLY B 311 8.87 -8.55 20.38
C GLY B 311 8.87 -9.89 19.65
N GLY B 312 10.03 -10.27 19.10
CA GLY B 312 10.12 -11.52 18.39
C GLY B 312 9.94 -12.70 19.33
N GLY B 313 9.22 -13.72 18.86
CA GLY B 313 9.00 -14.89 19.69
C GLY B 313 8.71 -16.14 18.89
N GLN B 314 8.19 -17.18 19.55
CA GLN B 314 7.89 -18.43 18.87
C GLN B 314 6.38 -18.66 18.75
N ILE B 315 6.00 -19.43 17.75
CA ILE B 315 4.59 -19.75 17.53
C ILE B 315 4.39 -21.25 17.62
N LYS B 316 4.11 -21.73 18.83
CA LYS B 316 3.91 -23.16 19.09
C LYS B 316 2.47 -23.53 18.73
N GLY B 317 2.31 -24.65 18.05
CA GLY B 317 0.97 -25.08 17.68
C GLY B 317 0.33 -25.96 18.74
N VAL B 318 -0.52 -25.38 19.57
CA VAL B 318 -1.21 -26.14 20.60
C VAL B 318 -2.06 -27.20 19.92
N GLY B 319 -1.47 -28.39 19.75
CA GLY B 319 -2.16 -29.48 19.10
C GLY B 319 -1.18 -30.41 18.41
N SER B 320 0.09 -30.02 18.41
CA SER B 320 1.16 -30.81 17.81
C SER B 320 2.46 -30.52 18.54
N GLY B 321 2.43 -29.49 19.39
CA GLY B 321 3.60 -29.12 20.17
C GLY B 321 4.77 -28.54 19.41
N ARG B 322 4.75 -28.61 18.08
CA ARG B 322 5.84 -28.10 17.27
C ARG B 322 5.68 -26.63 16.85
N CYS B 323 6.80 -25.94 16.68
CA CYS B 323 6.82 -24.53 16.29
C CYS B 323 6.89 -24.28 14.79
N LEU B 324 6.42 -23.12 14.37
CA LEU B 324 6.44 -22.71 12.96
C LEU B 324 7.92 -22.54 12.62
N ASP B 325 8.38 -23.28 11.62
CA ASP B 325 9.79 -23.26 11.26
C ASP B 325 10.08 -23.09 9.77
N VAL B 326 11.12 -22.31 9.48
CA VAL B 326 11.53 -22.07 8.10
C VAL B 326 12.58 -23.14 7.79
N PRO B 327 12.23 -24.11 6.93
CA PRO B 327 13.12 -25.20 6.54
C PRO B 327 14.59 -24.82 6.38
N ASN B 328 15.42 -25.46 7.21
CA ASN B 328 16.86 -25.24 7.19
C ASN B 328 17.26 -23.78 7.41
N ALA B 329 16.38 -23.02 8.03
CA ALA B 329 16.65 -21.62 8.28
C ALA B 329 16.99 -20.89 6.99
N SER B 330 16.39 -21.33 5.88
CA SER B 330 16.64 -20.71 4.59
C SER B 330 16.22 -19.25 4.63
N THR B 331 16.75 -18.47 3.70
CA THR B 331 16.41 -17.06 3.63
C THR B 331 15.92 -16.82 2.21
N THR B 332 15.68 -17.92 1.50
CA THR B 332 15.23 -17.89 0.12
C THR B 332 13.72 -17.68 -0.02
N ASP B 333 13.35 -16.69 -0.81
CA ASP B 333 11.93 -16.38 -1.06
C ASP B 333 11.26 -17.56 -1.75
N GLY B 334 10.06 -17.92 -1.27
CA GLY B 334 9.33 -19.03 -1.85
C GLY B 334 9.43 -20.29 -1.03
N THR B 335 10.15 -20.23 0.08
CA THR B 335 10.32 -21.39 0.95
C THR B 335 9.11 -21.60 1.85
N GLN B 336 8.42 -22.73 1.66
CA GLN B 336 7.24 -23.06 2.46
C GLN B 336 7.64 -23.46 3.88
N VAL B 337 6.96 -22.91 4.88
CA VAL B 337 7.27 -23.22 6.28
C VAL B 337 6.77 -24.59 6.72
N GLN B 338 7.33 -25.08 7.82
CA GLN B 338 6.98 -26.39 8.36
C GLN B 338 6.88 -26.32 9.87
N LEU B 339 6.58 -27.47 10.46
CA LEU B 339 6.48 -27.60 11.91
C LEU B 339 7.74 -28.33 12.37
N TYR B 340 8.35 -27.86 13.45
CA TYR B 340 9.55 -28.50 13.98
C TYR B 340 9.72 -28.27 15.47
N ASP B 341 10.55 -29.10 16.08
CA ASP B 341 10.82 -29.01 17.51
C ASP B 341 11.33 -27.63 17.92
N CYS B 342 10.51 -26.93 18.70
CA CYS B 342 10.83 -25.58 19.17
C CYS B 342 12.20 -25.42 19.81
N HIS B 343 13.02 -24.55 19.24
CA HIS B 343 14.34 -24.26 19.79
C HIS B 343 14.68 -22.79 19.59
N SER B 344 15.82 -22.36 20.08
CA SER B 344 16.22 -20.96 19.97
C SER B 344 17.06 -20.64 18.73
N ALA B 345 16.38 -20.36 17.63
CA ALA B 345 17.05 -20.03 16.37
C ALA B 345 16.16 -19.07 15.59
N THR B 346 16.78 -18.09 14.95
CA THR B 346 16.04 -17.09 14.18
C THR B 346 15.03 -17.67 13.19
N ASN B 347 15.24 -18.90 12.75
CA ASN B 347 14.33 -19.54 11.81
C ASN B 347 13.02 -19.95 12.47
N GLN B 348 12.85 -19.56 13.73
CA GLN B 348 11.65 -19.89 14.47
C GLN B 348 11.13 -18.70 15.29
N GLN B 349 11.79 -17.56 15.14
CA GLN B 349 11.39 -16.34 15.83
C GLN B 349 10.50 -15.50 14.91
N TRP B 350 9.22 -15.45 15.20
CA TRP B 350 8.27 -14.68 14.42
C TRP B 350 7.81 -13.46 15.19
N THR B 351 7.77 -12.33 14.51
CA THR B 351 7.34 -11.07 15.11
C THR B 351 6.06 -10.58 14.48
N TYR B 352 5.05 -10.31 15.29
CA TYR B 352 3.77 -9.80 14.79
C TYR B 352 3.89 -8.27 14.83
N THR B 353 3.70 -7.63 13.68
CA THR B 353 3.79 -6.18 13.58
C THR B 353 2.43 -5.51 13.72
N ASP B 354 2.43 -4.19 13.88
CA ASP B 354 1.18 -3.47 14.00
C ASP B 354 0.40 -3.49 12.69
N ALA B 355 1.09 -3.91 11.63
CA ALA B 355 0.49 -4.01 10.29
C ALA B 355 -0.19 -5.38 10.16
N GLY B 356 0.15 -6.30 11.07
CA GLY B 356 -0.44 -7.63 11.05
C GLY B 356 0.41 -8.63 10.31
N GLU B 357 1.70 -8.37 10.21
CA GLU B 357 2.60 -9.28 9.52
C GLU B 357 3.29 -10.22 10.50
N LEU B 358 3.74 -11.36 10.00
CA LEU B 358 4.47 -12.32 10.79
C LEU B 358 5.87 -12.36 10.19
N ARG B 359 6.68 -11.39 10.59
CA ARG B 359 8.05 -11.27 10.09
C ARG B 359 9.02 -12.25 10.73
N VAL B 360 9.98 -12.70 9.92
CA VAL B 360 11.03 -13.62 10.37
C VAL B 360 12.28 -13.07 9.71
N TYR B 361 13.42 -13.21 10.38
CA TYR B 361 14.70 -12.72 9.84
C TYR B 361 14.69 -11.19 9.72
N GLY B 362 13.66 -10.55 10.27
CA GLY B 362 13.60 -9.09 10.20
C GLY B 362 12.89 -8.47 9.02
N ASP B 363 13.10 -9.00 7.81
CA ASP B 363 12.46 -8.43 6.64
C ASP B 363 11.82 -9.46 5.71
N LYS B 364 11.55 -10.65 6.24
CA LYS B 364 10.90 -11.70 5.47
C LYS B 364 9.51 -11.84 6.09
N CYS B 365 8.50 -12.05 5.26
CA CYS B 365 7.12 -12.16 5.74
C CYS B 365 6.40 -13.47 5.44
N LEU B 366 5.59 -13.94 6.39
CA LEU B 366 4.80 -15.15 6.19
C LEU B 366 3.91 -14.77 5.02
N ASP B 367 4.02 -15.52 3.93
CA ASP B 367 3.31 -15.22 2.68
C ASP B 367 2.46 -16.37 2.11
N ALA B 368 1.35 -16.02 1.48
CA ALA B 368 0.47 -17.00 0.84
C ALA B 368 0.34 -16.59 -0.62
N ALA B 369 0.68 -17.50 -1.52
CA ALA B 369 0.64 -17.22 -2.95
C ALA B 369 -0.74 -17.37 -3.58
N GLY B 370 -1.75 -17.61 -2.74
CA GLY B 370 -3.10 -17.77 -3.23
C GLY B 370 -4.12 -17.57 -2.13
N THR B 371 -5.37 -17.93 -2.41
CA THR B 371 -6.42 -17.78 -1.41
C THR B 371 -7.17 -19.09 -1.13
N GLY B 372 -7.27 -19.95 -2.13
CA GLY B 372 -7.97 -21.21 -1.95
C GLY B 372 -7.33 -22.16 -0.96
N ASN B 373 -7.99 -23.28 -0.71
CA ASN B 373 -7.47 -24.29 0.21
C ASN B 373 -6.29 -25.00 -0.43
N GLY B 374 -5.32 -25.38 0.40
CA GLY B 374 -4.15 -26.07 -0.11
C GLY B 374 -3.02 -25.15 -0.54
N THR B 375 -3.23 -23.84 -0.40
CA THR B 375 -2.24 -22.84 -0.77
C THR B 375 -1.06 -22.89 0.20
N LYS B 376 0.14 -22.93 -0.35
CA LYS B 376 1.37 -22.97 0.44
C LYS B 376 1.66 -21.70 1.24
N VAL B 377 2.07 -21.88 2.49
CA VAL B 377 2.44 -20.77 3.35
C VAL B 377 3.97 -20.76 3.33
N GLN B 378 4.54 -19.65 2.92
CA GLN B 378 5.99 -19.51 2.77
C GLN B 378 6.50 -18.18 3.32
N ILE B 379 7.75 -17.86 2.96
CA ILE B 379 8.34 -16.59 3.35
C ILE B 379 8.67 -15.85 2.06
N TYR B 380 8.42 -14.55 2.06
CA TYR B 380 8.67 -13.71 0.90
C TYR B 380 9.02 -12.33 1.44
N SER B 381 9.80 -11.57 0.69
CA SER B 381 10.17 -10.23 1.12
C SER B 381 8.91 -9.47 1.52
N CYS B 382 8.97 -8.76 2.64
CA CYS B 382 7.83 -7.98 3.11
C CYS B 382 7.57 -6.78 2.24
N TRP B 383 6.33 -6.59 1.82
CA TRP B 383 5.97 -5.44 1.00
C TRP B 383 4.59 -4.89 1.35
N GLY B 384 3.93 -5.52 2.31
CA GLY B 384 2.64 -5.04 2.76
C GLY B 384 1.39 -5.63 2.14
N GLY B 385 1.53 -6.64 1.29
CA GLY B 385 0.36 -7.23 0.66
C GLY B 385 -0.55 -7.93 1.66
N ASP B 386 -1.87 -7.80 1.46
CA ASP B 386 -2.82 -8.43 2.36
C ASP B 386 -2.60 -9.94 2.45
N ASN B 387 -1.83 -10.48 1.51
CA ASN B 387 -1.52 -11.91 1.51
C ASN B 387 -0.35 -12.19 2.45
N GLN B 388 0.05 -11.15 3.18
CA GLN B 388 1.14 -11.25 4.16
C GLN B 388 0.64 -10.67 5.48
N LYS B 389 -0.66 -10.35 5.52
CA LYS B 389 -1.26 -9.78 6.72
C LYS B 389 -2.06 -10.88 7.41
N TRP B 390 -2.05 -10.88 8.74
CA TRP B 390 -2.79 -11.88 9.48
C TRP B 390 -3.53 -11.34 10.69
N ARG B 391 -4.53 -12.10 11.12
CA ARG B 391 -5.34 -11.75 12.28
C ARG B 391 -5.23 -12.88 13.28
N LEU B 392 -4.78 -12.56 14.49
CA LEU B 392 -4.63 -13.57 15.54
C LEU B 392 -5.90 -13.61 16.37
N ASN B 393 -6.78 -14.54 16.08
CA ASN B 393 -8.03 -14.67 16.82
C ASN B 393 -7.80 -15.15 18.24
N SER B 394 -8.71 -14.75 19.13
CA SER B 394 -8.62 -15.12 20.53
C SER B 394 -8.72 -16.63 20.75
N ASP B 395 -9.42 -17.33 19.86
CA ASP B 395 -9.56 -18.77 20.02
C ASP B 395 -8.24 -19.48 19.68
N GLY B 396 -7.27 -18.69 19.24
CA GLY B 396 -5.97 -19.25 18.90
C GLY B 396 -5.68 -19.47 17.43
N SER B 397 -6.61 -19.08 16.56
CA SER B 397 -6.41 -19.27 15.12
C SER B 397 -5.76 -18.06 14.45
N ILE B 398 -5.00 -18.33 13.38
CA ILE B 398 -4.33 -17.28 12.61
C ILE B 398 -4.99 -17.25 11.23
N VAL B 399 -5.76 -16.20 10.96
CA VAL B 399 -6.45 -16.09 9.68
C VAL B 399 -5.77 -15.15 8.71
N GLY B 400 -5.69 -15.59 7.45
CA GLY B 400 -5.10 -14.76 6.42
C GLY B 400 -6.08 -13.66 6.09
N VAL B 401 -5.67 -12.41 6.30
CA VAL B 401 -6.54 -11.27 6.04
C VAL B 401 -7.13 -11.30 4.64
N GLN B 402 -6.33 -11.66 3.64
CA GLN B 402 -6.80 -11.69 2.27
C GLN B 402 -7.57 -12.95 1.92
N SER B 403 -7.04 -14.09 2.34
CA SER B 403 -7.66 -15.37 2.07
C SER B 403 -8.91 -15.59 2.91
N GLY B 404 -8.79 -15.28 4.20
CA GLY B 404 -9.90 -15.47 5.09
C GLY B 404 -9.83 -16.91 5.57
N LEU B 405 -8.69 -17.54 5.30
CA LEU B 405 -8.44 -18.92 5.69
C LEU B 405 -7.41 -18.98 6.81
N CYS B 406 -7.46 -20.07 7.59
CA CYS B 406 -6.55 -20.25 8.71
C CYS B 406 -5.27 -21.00 8.31
N LEU B 407 -4.20 -20.77 9.05
CA LEU B 407 -2.94 -21.46 8.82
C LEU B 407 -3.26 -22.90 9.23
N ASP B 408 -3.03 -23.84 8.32
CA ASP B 408 -3.37 -25.23 8.58
C ASP B 408 -2.23 -26.24 8.42
N ALA B 409 -2.12 -27.16 9.37
CA ALA B 409 -1.08 -28.19 9.31
C ALA B 409 -1.57 -29.27 8.36
N VAL B 410 -0.92 -29.38 7.21
CA VAL B 410 -1.31 -30.35 6.20
C VAL B 410 -1.66 -31.72 6.77
N GLY B 411 -2.74 -32.30 6.26
CA GLY B 411 -3.18 -33.62 6.70
C GLY B 411 -3.16 -33.83 8.21
N GLY B 412 -3.50 -32.79 8.96
CA GLY B 412 -3.50 -32.90 10.40
C GLY B 412 -2.18 -33.41 10.95
N GLY B 413 -1.17 -33.45 10.10
CA GLY B 413 0.14 -33.91 10.52
C GLY B 413 0.61 -33.22 11.79
N THR B 414 1.54 -33.85 12.49
CA THR B 414 2.08 -33.29 13.72
C THR B 414 3.57 -33.59 13.84
N ALA B 415 4.09 -34.35 12.87
CA ALA B 415 5.50 -34.72 12.88
C ALA B 415 6.40 -33.66 12.24
N ASN B 416 7.67 -33.68 12.59
CA ASN B 416 8.64 -32.73 12.04
C ASN B 416 8.55 -32.81 10.51
N GLY B 417 8.68 -31.66 9.86
CA GLY B 417 8.62 -31.62 8.41
C GLY B 417 7.22 -31.43 7.86
N THR B 418 6.24 -31.30 8.75
CA THR B 418 4.86 -31.10 8.32
C THR B 418 4.69 -29.70 7.78
N LEU B 419 4.36 -29.61 6.50
CA LEU B 419 4.17 -28.33 5.83
C LEU B 419 2.98 -27.54 6.37
N ILE B 420 3.02 -26.23 6.21
CA ILE B 420 1.93 -25.37 6.65
C ILE B 420 1.19 -24.95 5.38
N GLN B 421 -0.14 -24.89 5.47
CA GLN B 421 -0.96 -24.53 4.31
C GLN B 421 -2.12 -23.62 4.70
N LEU B 422 -2.90 -23.23 3.70
CA LEU B 422 -4.08 -22.40 3.94
C LEU B 422 -5.29 -23.29 3.77
N TYR B 423 -6.20 -23.23 4.74
CA TYR B 423 -7.41 -24.03 4.66
C TYR B 423 -8.55 -23.33 5.40
N SER B 424 -9.77 -23.74 5.10
CA SER B 424 -10.94 -23.15 5.75
C SER B 424 -10.82 -23.42 7.24
N CYS B 425 -10.96 -22.38 8.06
CA CYS B 425 -10.86 -22.53 9.50
C CYS B 425 -11.78 -23.61 10.04
N SER B 426 -11.31 -24.34 11.04
CA SER B 426 -12.09 -25.43 11.61
C SER B 426 -12.02 -25.57 13.13
N ASN B 427 -11.28 -24.69 13.79
CA ASN B 427 -11.14 -24.76 15.25
C ASN B 427 -10.40 -26.03 15.64
N GLY B 428 -9.92 -26.76 14.65
CA GLY B 428 -9.18 -27.99 14.90
C GLY B 428 -7.85 -27.71 15.57
N SER B 429 -7.19 -28.75 16.06
CA SER B 429 -5.91 -28.58 16.73
C SER B 429 -4.82 -28.14 15.76
N ASN B 430 -4.99 -28.52 14.49
CA ASN B 430 -4.02 -28.16 13.46
C ASN B 430 -4.28 -26.77 12.91
N GLN B 431 -4.91 -25.93 13.72
CA GLN B 431 -5.22 -24.56 13.33
C GLN B 431 -5.21 -23.55 14.49
N ARG B 432 -4.71 -23.98 15.63
CA ARG B 432 -4.61 -23.12 16.81
C ARG B 432 -3.14 -23.05 17.24
N TRP B 433 -2.73 -21.91 17.78
CA TRP B 433 -1.34 -21.75 18.19
C TRP B 433 -1.20 -20.92 19.47
N THR B 434 -0.01 -20.95 20.07
CA THR B 434 0.26 -20.19 21.29
C THR B 434 1.57 -19.41 21.17
N ARG B 435 1.55 -18.14 21.58
CA ARG B 435 2.71 -17.28 21.51
C ARG B 435 3.64 -17.49 22.70
N THR B 436 4.94 -17.48 22.43
CA THR B 436 5.96 -17.66 23.47
C THR B 436 7.26 -16.95 23.12
#